data_8KFZ
#
_entry.id   8KFZ
#
_cell.length_a   1.00
_cell.length_b   1.00
_cell.length_c   1.00
_cell.angle_alpha   90.00
_cell.angle_beta   90.00
_cell.angle_gamma   90.00
#
_symmetry.space_group_name_H-M   'P 1'
#
loop_
_entity.id
_entity.type
_entity.pdbx_description
1 polymer 'C-C chemokine receptor type 8,LgBiT fusion protein,Recombinant Human Rhinovirus'
2 polymer 'Guanine nucleotide-binding protein G(i) subunit alpha-1'
3 polymer 'Guanine nucleotide-binding protein G(I)/G(S)/G(T) subunit beta-1'
4 polymer 'Guanine nucleotide-binding protein G(I)/G(S)/G(O) subunit gamma-2'
5 polymer scFv16
#
loop_
_entity_poly.entity_id
_entity_poly.type
_entity_poly.pdbx_seq_one_letter_code
_entity_poly.pdbx_strand_id
1 'polypeptide(L)'
;MKTIIALSYIFCLVFADYKDDDDAGRAMDYTLDLSVTTVTDYYYPDIFSSPCDAELIQTNGKLLLAVFYCLLFVFSLLGN
SLVILVLVVCKKLRSITDVYLLNLALSDLLFVFSFPFQTYYLLDQWVFGTVMCKVVSGFYYIGFYSSMFFITLMSVDRYL
AVVHAVYALKVRTIRMGTTLCLAVWLTAIMATIPLLVFYQVASEDGVLQCYSFYNQQTLKWKIFTNFKMNILGLLIPFTI
FMFCYIKILHQLKRCQNHNKTKAIRLVLIVVIASLLFWVPFNVVLFLTSLHSMHILDGCSISQQLTYATHVTEIISFTHC
CVNPVIYAFVGEKFKKHLSEIFQKSCSQIFNYLGRQMPRESCEKSSSCQQHSSRSSSVDYILGSSGGGGSGGGGSSGVFT
LEDFVGDWEQTAAYNLDQVLEQGGVSSLLQNLAVSVTPIQRIVRSGENALKIDIHVIIPYEGLSADQMAQIEEVFKVVYP
VDDHHFKVILPYGTLVIDGVTPNMLNYFGRPYEGIAVFDGKKITVTGTLWNGNKIIDERLITPDGSMLFRVTINSEFLEV
LFQGPHHHHHHHHHH
;
R
2 'polypeptide(L)'
;MGCTLSAEDKAAVERSKMIDRNLREDGEKAAREVKLLLLGAGESGKNTIVKQMKIIHEAGYSEEECKQYKAVVYSNTIQS
IIAIIRAMGRLKIDFGDSARADDARQLFVLAGAAEEGFMTAELAGVIKRLWKDSGVQACFNRSREYQLNDSAAYYLNDLD
RIAQPNYIPTQQDVLRTRVKTTGIVETHFTFKDLHFKMFDVGAQRSERKKWIHCFEGVTAIIFCVALSDYDLVLAEDEEM
NRMHESMKLFDSICNNKWFTDTSIILFLNKKDLFEEKIKKSPLTICYPEYAGSNTYEEAAAYIQCQFEDLNKRKDTKEIY
THFTCSTDTKNVQFVFDAVTDVIIKNNLKDCGLF
;
A
3 'polypeptide(L)'
;MSELDQLRQEAEQLKNQIRDARKACADATLSQITNNIDPVGRIQMRTRRTLRGHLAKIYAMHWGTDSRLLVSASQDGKLI
IWDSYTTNKVHAIPLRSSWVMTCAYAPSGNYVACGGLDNICSIYNLKTREGNVRVSRELAGHTGYLSCCRFLDDNQIVTS
SGDTTCALWDIETGQQTTTFTGHTGDVMSLSLAPDTRLFVSGACDASAKLWDVREGMCRQTFTGHESDINAICFFPNGNA
FATGSDDATCRLFDLRADQELMTYSHDNIICGITSVSFSKSGRLLLAGYDDFNCNVWDALKADRAGVLAGHDNRVSCLGV
TDDGMAVATGSWDSFLKIWNGSSGGGGSGGGGSSGVSGWRLFKKIS
;
B
4 'polypeptide(L)' MASNNTASIAQARKLVEQLKMEANIDRIKVSKAAADLMAYCEAHAKEDPLLTPVPASENPFREKKFFCAIL C
5 'polypeptide(L)'
;MLLVNQSHQGFNKEHTSKMVSAIVLYVLLAAAAHSAFADVQLVESGGGLVQPGGSRKLSCSASGFAFSSFGMHWVRQAPE
KGLEWVAYISSGSGTIYYADTVKGRFTISRDDPKNTLFLQMTSLRSEDTAMYYCVRSIYYYGSSPFDFWGQGTTLTVSSG
GGGSGGGGSGGGGSDIVMTQATSSVPVTPGESVSISCRSSKSLLHSNGNTYLYWFLQRPGQSPQLLIYRMSNLASGVPDR
FSGSGSGTAFTLTISRLEAEDVGVYYCMQHLEYPLTFGAGTKLELKAAAHHHHHHHH
;
S
#
# COMPACT_ATOMS: atom_id res chain seq x y z
N ILE A 57 51.13 -26.97 27.88
CA ILE A 57 50.77 -27.26 26.50
C ILE A 57 49.32 -26.89 26.23
N GLN A 58 48.40 -27.76 26.63
CA GLN A 58 46.98 -27.47 26.42
C GLN A 58 46.52 -26.31 27.29
N THR A 59 47.24 -26.01 28.37
CA THR A 59 46.85 -24.90 29.24
C THR A 59 47.16 -23.55 28.62
N ASN A 60 48.34 -23.39 28.01
CA ASN A 60 48.68 -22.14 27.33
C ASN A 60 47.74 -21.92 26.14
N GLY A 61 47.50 -22.98 25.36
CA GLY A 61 46.52 -22.90 24.30
C GLY A 61 45.13 -22.61 24.81
N LYS A 62 44.79 -23.11 26.00
CA LYS A 62 43.49 -22.84 26.59
C LYS A 62 43.36 -21.36 26.96
N LEU A 63 44.41 -20.77 27.51
CA LEU A 63 44.39 -19.34 27.81
C LEU A 63 44.28 -18.51 26.53
N LEU A 64 45.03 -18.91 25.49
CA LEU A 64 44.95 -18.20 24.22
C LEU A 64 43.55 -18.29 23.62
N LEU A 65 42.96 -19.49 23.65
CA LEU A 65 41.61 -19.63 23.14
C LEU A 65 40.57 -19.03 24.07
N ALA A 66 40.93 -18.75 25.33
CA ALA A 66 40.02 -18.00 26.20
C ALA A 66 39.99 -16.53 25.83
N VAL A 67 41.16 -15.96 25.52
CA VAL A 67 41.18 -14.59 24.98
C VAL A 67 40.43 -14.55 23.66
N PHE A 68 40.67 -15.54 22.81
CA PHE A 68 39.91 -15.66 21.57
C PHE A 68 38.43 -15.82 21.86
N TYR A 69 38.08 -16.53 22.93
CA TYR A 69 36.68 -16.65 23.33
C TYR A 69 36.07 -15.31 23.67
N CYS A 70 36.80 -14.49 24.42
CA CYS A 70 36.27 -13.18 24.79
C CYS A 70 36.02 -12.34 23.54
N LEU A 71 37.03 -12.21 22.68
CA LEU A 71 36.88 -11.41 21.48
C LEU A 71 35.79 -11.98 20.57
N LEU A 72 35.77 -13.30 20.40
CA LEU A 72 34.79 -13.98 19.59
C LEU A 72 33.39 -13.73 20.09
N PHE A 73 33.19 -13.81 21.42
CA PHE A 73 31.86 -13.64 21.98
C PHE A 73 31.37 -12.20 21.79
N VAL A 74 32.22 -11.22 22.09
CA VAL A 74 31.74 -9.84 21.96
C VAL A 74 31.42 -9.52 20.50
N PHE A 75 32.31 -9.93 19.58
CA PHE A 75 32.09 -9.65 18.17
C PHE A 75 30.84 -10.34 17.65
N SER A 76 30.64 -11.62 18.02
CA SER A 76 29.48 -12.36 17.55
C SER A 76 28.19 -11.75 18.09
N LEU A 77 28.16 -11.43 19.39
CA LEU A 77 26.96 -10.83 19.96
C LEU A 77 26.64 -9.51 19.27
N LEU A 78 27.65 -8.65 19.08
CA LEU A 78 27.40 -7.38 18.42
C LEU A 78 26.90 -7.58 16.99
N GLY A 79 27.53 -8.49 16.25
CA GLY A 79 27.13 -8.69 14.86
C GLY A 79 25.73 -9.23 14.73
N ASN A 80 25.40 -10.26 15.51
CA ASN A 80 24.06 -10.84 15.45
C ASN A 80 23.00 -9.83 15.90
N SER A 81 23.28 -9.08 16.97
CA SER A 81 22.33 -8.08 17.42
C SER A 81 22.12 -7.01 16.36
N LEU A 82 23.19 -6.57 15.71
CA LEU A 82 23.06 -5.54 14.68
C LEU A 82 22.28 -6.04 13.48
N VAL A 83 22.53 -7.28 13.05
CA VAL A 83 21.78 -7.84 11.93
C VAL A 83 20.30 -7.94 12.28
N ILE A 84 20.00 -8.40 13.50
CA ILE A 84 18.60 -8.51 13.91
C ILE A 84 17.94 -7.14 13.94
N LEU A 85 18.63 -6.16 14.54
CA LEU A 85 18.06 -4.82 14.66
C LEU A 85 17.80 -4.20 13.29
N VAL A 86 18.74 -4.40 12.35
CA VAL A 86 18.53 -3.88 11.00
C VAL A 86 17.36 -4.58 10.32
N LEU A 87 17.28 -5.91 10.48
CA LEU A 87 16.31 -6.67 9.69
C LEU A 87 14.89 -6.49 10.18
N VAL A 88 14.66 -6.51 11.50
CA VAL A 88 13.31 -6.48 12.03
C VAL A 88 12.95 -5.12 12.62
N VAL A 89 13.90 -4.44 13.26
CA VAL A 89 13.56 -3.19 13.94
C VAL A 89 13.74 -2.00 13.00
N CYS A 90 14.96 -1.78 12.52
CA CYS A 90 15.24 -0.61 11.70
C CYS A 90 14.50 -0.68 10.36
N LYS A 91 14.44 -1.87 9.76
CA LYS A 91 13.81 -2.03 8.47
C LYS A 91 12.73 -3.12 8.52
N LYS A 92 12.23 -3.52 7.36
CA LYS A 92 11.20 -4.55 7.26
C LYS A 92 11.81 -5.87 6.81
N LEU A 93 11.10 -6.95 7.11
CA LEU A 93 11.47 -8.28 6.66
C LEU A 93 10.82 -8.53 5.29
N ARG A 94 11.29 -7.77 4.30
CA ARG A 94 10.62 -7.73 3.00
C ARG A 94 10.72 -9.06 2.28
N SER A 95 11.92 -9.62 2.17
CA SER A 95 12.19 -10.74 1.27
C SER A 95 12.31 -12.05 2.04
N ILE A 96 12.13 -13.15 1.31
CA ILE A 96 12.32 -14.47 1.89
C ILE A 96 13.75 -14.62 2.39
N THR A 97 14.71 -14.08 1.65
CA THR A 97 16.08 -14.07 2.12
C THR A 97 16.24 -13.21 3.37
N ASP A 98 15.43 -12.15 3.49
CA ASP A 98 15.48 -11.35 4.71
C ASP A 98 15.00 -12.16 5.91
N VAL A 99 13.91 -12.92 5.74
CA VAL A 99 13.44 -13.81 6.80
C VAL A 99 14.50 -14.83 7.13
N TYR A 100 15.12 -15.41 6.10
CA TYR A 100 16.11 -16.45 6.30
C TYR A 100 17.32 -15.89 7.04
N LEU A 101 17.75 -14.68 6.70
CA LEU A 101 18.90 -14.05 7.34
C LEU A 101 18.58 -13.71 8.79
N LEU A 102 17.39 -13.17 9.06
CA LEU A 102 17.03 -12.86 10.43
C LEU A 102 16.98 -14.13 11.27
N ASN A 103 16.38 -15.19 10.74
CA ASN A 103 16.31 -16.45 11.47
C ASN A 103 17.70 -17.06 11.65
N LEU A 104 18.60 -16.88 10.68
CA LEU A 104 19.96 -17.35 10.84
C LEU A 104 20.68 -16.56 11.93
N ALA A 105 20.38 -15.27 12.04
CA ALA A 105 20.95 -14.47 13.13
C ALA A 105 20.43 -14.96 14.48
N LEU A 106 19.14 -15.28 14.56
CA LEU A 106 18.62 -15.84 15.81
C LEU A 106 19.28 -17.17 16.13
N SER A 107 19.47 -18.02 15.13
CA SER A 107 20.17 -19.28 15.33
C SER A 107 21.60 -19.04 15.81
N ASP A 108 22.28 -18.08 15.21
CA ASP A 108 23.64 -17.75 15.63
C ASP A 108 23.66 -17.33 17.09
N LEU A 109 22.77 -16.43 17.49
CA LEU A 109 22.75 -15.96 18.88
C LEU A 109 22.39 -17.10 19.82
N LEU A 110 21.50 -18.00 19.37
CA LEU A 110 21.17 -19.18 20.14
C LEU A 110 22.39 -20.06 20.34
N PHE A 111 23.30 -20.08 19.37
CA PHE A 111 24.58 -20.74 19.56
C PHE A 111 25.50 -19.93 20.46
N VAL A 112 25.42 -18.59 20.40
CA VAL A 112 26.41 -17.77 21.10
C VAL A 112 26.12 -17.65 22.59
N PHE A 113 24.94 -18.03 23.07
CA PHE A 113 24.88 -18.15 24.53
C PHE A 113 25.88 -19.17 25.04
N SER A 114 26.18 -20.21 24.25
CA SER A 114 26.89 -21.38 24.77
C SER A 114 28.31 -21.03 25.23
N PHE A 115 29.05 -20.23 24.47
CA PHE A 115 30.48 -20.11 24.73
C PHE A 115 30.84 -19.46 26.07
N PRO A 116 30.07 -18.53 26.65
CA PRO A 116 30.38 -18.13 28.02
C PRO A 116 30.39 -19.29 29.00
N PHE A 117 29.36 -20.15 28.96
CA PHE A 117 29.31 -21.29 29.87
C PHE A 117 30.40 -22.31 29.57
N GLN A 118 30.67 -22.55 28.28
CA GLN A 118 31.76 -23.46 27.93
C GLN A 118 33.10 -22.92 28.39
N THR A 119 33.30 -21.60 28.26
CA THR A 119 34.53 -20.98 28.75
C THR A 119 34.65 -21.13 30.25
N TYR A 120 33.56 -20.93 30.98
CA TYR A 120 33.61 -21.10 32.43
C TYR A 120 33.95 -22.55 32.78
N TYR A 121 33.39 -23.51 32.05
CA TYR A 121 33.71 -24.91 32.27
C TYR A 121 35.19 -25.17 32.03
N LEU A 122 35.74 -24.62 30.94
CA LEU A 122 37.15 -24.84 30.64
C LEU A 122 38.05 -24.23 31.71
N LEU A 123 37.73 -23.01 32.15
CA LEU A 123 38.57 -22.33 33.13
C LEU A 123 38.40 -22.90 34.53
N ASP A 124 37.15 -23.18 34.94
CA ASP A 124 36.85 -23.58 36.30
C ASP A 124 35.83 -24.69 36.31
N GLN A 125 35.66 -25.32 37.47
CA GLN A 125 34.69 -26.38 37.62
C GLN A 125 33.27 -25.85 37.47
N TRP A 126 32.37 -26.73 37.03
CA TRP A 126 30.98 -26.36 36.84
C TRP A 126 30.31 -26.12 38.20
N VAL A 127 29.62 -24.99 38.33
CA VAL A 127 28.94 -24.63 39.58
C VAL A 127 27.50 -24.27 39.29
N PHE A 128 27.14 -24.19 38.00
CA PHE A 128 25.78 -23.80 37.63
C PHE A 128 24.76 -24.82 38.11
N GLY A 129 24.98 -26.09 37.80
CA GLY A 129 24.04 -27.13 38.16
C GLY A 129 23.69 -28.06 37.01
N THR A 130 23.12 -29.22 37.33
CA THR A 130 22.83 -30.21 36.30
C THR A 130 21.78 -29.71 35.31
N VAL A 131 20.72 -29.07 35.79
CA VAL A 131 19.69 -28.56 34.90
C VAL A 131 20.23 -27.43 34.04
N MET A 132 21.00 -26.51 34.65
CA MET A 132 21.68 -25.51 33.83
C MET A 132 22.69 -26.14 32.89
N CYS A 133 23.34 -27.23 33.28
CA CYS A 133 24.24 -27.93 32.37
C CYS A 133 23.50 -28.45 31.14
N LYS A 134 22.32 -29.04 31.36
CA LYS A 134 21.52 -29.51 30.24
C LYS A 134 21.04 -28.34 29.38
N VAL A 135 20.72 -27.21 30.01
CA VAL A 135 20.32 -26.02 29.25
C VAL A 135 21.46 -25.54 28.37
N VAL A 136 22.69 -25.54 28.90
CA VAL A 136 23.86 -25.12 28.12
C VAL A 136 24.06 -26.05 26.95
N SER A 137 24.00 -27.37 27.20
CA SER A 137 24.16 -28.34 26.12
C SER A 137 23.08 -28.15 25.07
N GLY A 138 21.85 -27.90 25.50
CA GLY A 138 20.79 -27.64 24.55
C GLY A 138 21.04 -26.42 23.71
N PHE A 139 21.49 -25.33 24.33
CA PHE A 139 21.79 -24.13 23.55
C PHE A 139 22.84 -24.42 22.49
N TYR A 140 23.92 -25.11 22.88
CA TYR A 140 24.96 -25.47 21.92
C TYR A 140 24.39 -26.29 20.77
N TYR A 141 23.60 -27.31 21.09
CA TYR A 141 23.17 -28.25 20.07
C TYR A 141 22.11 -27.65 19.16
N ILE A 142 21.20 -26.83 19.70
CA ILE A 142 20.24 -26.16 18.84
C ILE A 142 20.94 -25.15 17.94
N GLY A 143 21.96 -24.45 18.45
CA GLY A 143 22.75 -23.62 17.56
C GLY A 143 23.36 -24.44 16.44
N PHE A 144 23.89 -25.62 16.78
CA PHE A 144 24.47 -26.53 15.80
C PHE A 144 23.46 -26.87 14.70
N TYR A 145 22.37 -27.57 15.06
CA TYR A 145 21.43 -28.01 14.04
C TYR A 145 20.82 -26.84 13.29
N SER A 146 20.54 -25.74 13.97
CA SER A 146 19.99 -24.57 13.29
C SER A 146 20.95 -24.05 12.24
N SER A 147 22.24 -24.02 12.56
CA SER A 147 23.23 -23.62 11.56
C SER A 147 23.21 -24.55 10.36
N MET A 148 23.28 -25.87 10.60
CA MET A 148 23.11 -26.84 9.52
C MET A 148 21.95 -26.51 8.60
N PHE A 149 20.74 -26.50 9.16
CA PHE A 149 19.57 -26.46 8.31
C PHE A 149 19.37 -25.07 7.72
N PHE A 150 19.81 -24.01 8.40
CA PHE A 150 19.62 -22.68 7.86
C PHE A 150 20.59 -22.39 6.73
N ILE A 151 21.85 -22.79 6.88
CA ILE A 151 22.79 -22.60 5.76
C ILE A 151 22.33 -23.41 4.56
N THR A 152 21.85 -24.65 4.79
CA THR A 152 21.37 -25.44 3.67
C THR A 152 20.12 -24.83 3.03
N LEU A 153 19.22 -24.30 3.86
CA LEU A 153 17.98 -23.74 3.33
C LEU A 153 18.25 -22.48 2.51
N MET A 154 19.15 -21.62 2.98
CA MET A 154 19.52 -20.47 2.17
C MET A 154 20.23 -20.90 0.89
N SER A 155 20.99 -21.99 0.94
CA SER A 155 21.59 -22.54 -0.27
C SER A 155 20.51 -22.90 -1.29
N VAL A 156 19.47 -23.61 -0.84
CA VAL A 156 18.39 -23.99 -1.74
C VAL A 156 17.67 -22.76 -2.27
N ASP A 157 17.44 -21.77 -1.41
CA ASP A 157 16.74 -20.56 -1.83
C ASP A 157 17.52 -19.83 -2.91
N ARG A 158 18.84 -19.68 -2.73
CA ARG A 158 19.63 -19.03 -3.76
C ARG A 158 19.69 -19.86 -5.04
N TYR A 159 19.72 -21.19 -4.92
CA TYR A 159 19.66 -22.02 -6.11
C TYR A 159 18.38 -21.76 -6.89
N LEU A 160 17.25 -21.69 -6.19
CA LEU A 160 15.99 -21.40 -6.86
C LEU A 160 16.01 -20.02 -7.50
N ALA A 161 16.55 -19.03 -6.79
CA ALA A 161 16.55 -17.67 -7.30
C ALA A 161 17.39 -17.52 -8.55
N VAL A 162 18.57 -18.12 -8.58
CA VAL A 162 19.48 -17.92 -9.71
C VAL A 162 19.22 -18.89 -10.85
N VAL A 163 18.82 -20.13 -10.55
CA VAL A 163 18.71 -21.12 -11.62
C VAL A 163 17.33 -21.08 -12.27
N HIS A 164 16.27 -21.29 -11.49
CA HIS A 164 14.92 -21.32 -12.02
C HIS A 164 14.15 -20.12 -11.47
N ALA A 165 14.29 -18.96 -12.14
CA ALA A 165 13.58 -17.77 -11.70
C ALA A 165 12.10 -17.84 -12.03
N VAL A 166 11.77 -18.42 -13.19
CA VAL A 166 10.39 -18.54 -13.64
C VAL A 166 9.55 -19.36 -12.67
N TYR A 167 10.20 -20.17 -11.83
CA TYR A 167 9.53 -20.85 -10.72
C TYR A 167 9.82 -20.19 -9.38
N ALA A 168 10.99 -19.56 -9.24
CA ALA A 168 11.35 -18.96 -7.97
C ALA A 168 10.43 -17.82 -7.60
N LEU A 169 10.05 -16.99 -8.57
CA LEU A 169 9.24 -15.82 -8.25
C LEU A 169 7.89 -16.23 -7.68
N LYS A 170 7.43 -17.44 -7.99
CA LYS A 170 6.14 -17.88 -7.47
C LYS A 170 6.29 -18.70 -6.20
N VAL A 171 7.30 -19.57 -6.11
CA VAL A 171 7.44 -20.37 -4.90
C VAL A 171 7.89 -19.52 -3.73
N ARG A 172 8.79 -18.58 -3.97
CA ARG A 172 9.43 -17.81 -2.90
C ARG A 172 8.47 -16.76 -2.39
N THR A 173 7.85 -17.02 -1.24
CA THR A 173 6.96 -16.09 -0.58
C THR A 173 7.25 -16.09 0.91
N ILE A 174 6.59 -15.17 1.63
CA ILE A 174 6.77 -15.11 3.07
C ILE A 174 6.24 -16.38 3.74
N ARG A 175 5.11 -16.89 3.25
CA ARG A 175 4.51 -18.08 3.87
C ARG A 175 5.40 -19.30 3.70
N MET A 176 5.93 -19.51 2.49
CA MET A 176 6.80 -20.67 2.27
C MET A 176 8.05 -20.58 3.13
N GLY A 177 8.63 -19.37 3.21
CA GLY A 177 9.81 -19.19 4.04
C GLY A 177 9.52 -19.45 5.51
N THR A 178 8.37 -18.96 6.00
CA THR A 178 8.01 -19.22 7.38
C THR A 178 7.84 -20.70 7.64
N THR A 179 7.19 -21.41 6.72
CA THR A 179 6.99 -22.84 6.91
C THR A 179 8.32 -23.59 6.96
N LEU A 180 9.21 -23.28 6.00
CA LEU A 180 10.50 -23.97 5.98
C LEU A 180 11.34 -23.65 7.20
N CYS A 181 11.39 -22.39 7.62
CA CYS A 181 12.17 -22.02 8.79
C CYS A 181 11.58 -22.65 10.05
N LEU A 182 10.25 -22.69 10.16
CA LEU A 182 9.63 -23.36 11.30
C LEU A 182 10.05 -24.82 11.34
N ALA A 183 9.88 -25.54 10.23
CA ALA A 183 10.25 -26.94 10.18
C ALA A 183 11.71 -27.14 10.58
N VAL A 184 12.57 -26.21 10.16
CA VAL A 184 13.96 -26.23 10.59
C VAL A 184 14.05 -26.16 12.10
N TRP A 185 13.27 -25.25 12.70
CA TRP A 185 13.33 -25.07 14.16
C TRP A 185 12.88 -26.32 14.90
N LEU A 186 11.74 -26.89 14.50
CA LEU A 186 11.28 -28.10 15.19
C LEU A 186 12.25 -29.26 14.98
N THR A 187 12.82 -29.39 13.78
CA THR A 187 13.77 -30.47 13.54
C THR A 187 14.99 -30.30 14.43
N ALA A 188 15.48 -29.07 14.58
CA ALA A 188 16.63 -28.82 15.45
C ALA A 188 16.31 -29.17 16.90
N ILE A 189 15.13 -28.76 17.39
CA ILE A 189 14.77 -29.07 18.77
C ILE A 189 14.65 -30.56 19.00
N MET A 190 14.00 -31.27 18.07
CA MET A 190 13.84 -32.71 18.21
C MET A 190 15.18 -33.43 18.11
N ALA A 191 16.13 -32.90 17.35
CA ALA A 191 17.46 -33.48 17.35
C ALA A 191 18.21 -33.18 18.65
N THR A 192 17.91 -32.04 19.27
CA THR A 192 18.61 -31.65 20.49
C THR A 192 18.16 -32.48 21.69
N ILE A 193 16.86 -32.80 21.76
CA ILE A 193 16.32 -33.46 22.96
C ILE A 193 17.09 -34.73 23.34
N PRO A 194 17.39 -35.66 22.42
CA PRO A 194 18.16 -36.85 22.84
C PRO A 194 19.51 -36.52 23.44
N LEU A 195 20.20 -35.51 22.94
CA LEU A 195 21.41 -35.04 23.61
C LEU A 195 21.12 -34.11 24.77
N LEU A 196 19.89 -33.57 24.85
CA LEU A 196 19.50 -32.81 26.03
C LEU A 196 19.46 -33.72 27.25
N VAL A 197 18.94 -34.94 27.09
CA VAL A 197 18.84 -35.83 28.25
C VAL A 197 20.16 -36.49 28.60
N PHE A 198 21.15 -36.46 27.70
CA PHE A 198 22.39 -37.19 27.93
C PHE A 198 23.27 -36.50 28.97
N TYR A 199 23.35 -35.18 28.93
CA TYR A 199 24.35 -34.46 29.71
C TYR A 199 24.13 -34.66 31.21
N GLN A 200 25.25 -34.81 31.94
CA GLN A 200 25.23 -34.99 33.38
C GLN A 200 26.47 -34.31 33.97
N VAL A 201 26.38 -34.01 35.26
CA VAL A 201 27.47 -33.37 36.01
C VAL A 201 28.04 -34.40 36.96
N ALA A 202 29.36 -34.62 36.88
CA ALA A 202 30.05 -35.59 37.71
C ALA A 202 31.29 -34.96 38.35
N SER A 203 31.63 -35.43 39.54
CA SER A 203 32.78 -34.92 40.28
C SER A 203 33.95 -35.88 40.07
N GLU A 204 34.94 -35.43 39.30
CA GLU A 204 36.16 -36.20 39.04
C GLU A 204 37.34 -35.45 39.63
N ASP A 205 38.09 -36.11 40.52
CA ASP A 205 39.28 -35.54 41.14
C ASP A 205 38.97 -34.21 41.83
N GLY A 206 37.79 -34.13 42.45
CA GLY A 206 37.39 -32.92 43.13
C GLY A 206 36.94 -31.79 42.24
N VAL A 207 36.77 -32.03 40.94
CA VAL A 207 36.36 -31.02 39.99
C VAL A 207 35.02 -31.43 39.39
N LEU A 208 34.06 -30.52 39.42
CA LEU A 208 32.75 -30.79 38.85
C LEU A 208 32.77 -30.51 37.35
N GLN A 209 32.35 -31.51 36.56
CA GLN A 209 32.38 -31.42 35.11
C GLN A 209 31.00 -31.73 34.57
N CYS A 210 30.46 -30.81 33.76
CA CYS A 210 29.25 -31.04 33.00
C CYS A 210 29.63 -31.58 31.63
N TYR A 211 29.24 -32.83 31.34
CA TYR A 211 29.63 -33.46 30.09
C TYR A 211 28.56 -34.45 29.68
N SER A 212 28.59 -34.82 28.40
CA SER A 212 27.67 -35.82 27.88
C SER A 212 28.06 -37.17 28.44
N PHE A 213 27.33 -37.62 29.47
CA PHE A 213 27.64 -38.86 30.16
C PHE A 213 27.05 -40.03 29.39
N TYR A 214 27.90 -41.01 29.04
CA TYR A 214 27.46 -42.20 28.34
C TYR A 214 27.92 -43.42 29.12
N ASN A 215 27.01 -44.36 29.35
CA ASN A 215 27.35 -45.63 29.95
C ASN A 215 27.96 -46.55 28.89
N GLN A 216 28.32 -47.76 29.31
CA GLN A 216 28.82 -48.74 28.35
C GLN A 216 27.76 -49.09 27.31
N GLN A 217 26.51 -49.27 27.75
CA GLN A 217 25.41 -49.48 26.81
C GLN A 217 25.19 -48.23 25.96
N THR A 218 25.30 -47.04 26.57
CA THR A 218 25.13 -45.79 25.84
C THR A 218 26.36 -45.43 25.02
N LEU A 219 27.47 -46.15 25.17
CA LEU A 219 28.65 -45.88 24.36
C LEU A 219 28.37 -46.09 22.89
N LYS A 220 27.62 -47.15 22.56
CA LYS A 220 27.17 -47.34 21.18
C LYS A 220 26.28 -46.20 20.73
N TRP A 221 25.37 -45.75 21.60
CA TRP A 221 24.56 -44.58 21.30
C TRP A 221 25.42 -43.33 21.14
N LYS A 222 26.50 -43.22 21.92
CA LYS A 222 27.41 -42.09 21.76
C LYS A 222 28.03 -42.10 20.37
N ILE A 223 28.43 -43.27 19.88
CA ILE A 223 28.95 -43.36 18.51
C ILE A 223 27.88 -42.98 17.51
N PHE A 224 26.65 -43.47 17.71
CA PHE A 224 25.57 -43.16 16.77
C PHE A 224 25.24 -41.68 16.77
N THR A 225 25.17 -41.06 17.96
CA THR A 225 24.79 -39.65 18.02
C THR A 225 25.90 -38.75 17.51
N ASN A 226 27.17 -39.11 17.78
CA ASN A 226 28.27 -38.34 17.22
C ASN A 226 28.32 -38.47 15.70
N PHE A 227 28.10 -39.69 15.18
CA PHE A 227 28.00 -39.88 13.75
C PHE A 227 26.76 -39.21 13.17
N LYS A 228 25.69 -39.11 13.96
CA LYS A 228 24.47 -38.49 13.47
C LYS A 228 24.72 -37.04 13.08
N MET A 229 25.49 -36.32 13.89
CA MET A 229 25.89 -34.97 13.51
C MET A 229 26.79 -34.97 12.28
N ASN A 230 27.41 -36.11 11.95
CA ASN A 230 28.21 -36.19 10.73
C ASN A 230 27.36 -36.60 9.54
N ILE A 231 26.75 -37.79 9.60
CA ILE A 231 26.03 -38.32 8.44
C ILE A 231 24.74 -37.55 8.20
N LEU A 232 24.01 -37.21 9.27
CA LEU A 232 22.75 -36.49 9.14
C LEU A 232 22.91 -34.99 9.40
N GLY A 233 23.75 -34.63 10.38
CA GLY A 233 23.94 -33.22 10.68
C GLY A 233 24.58 -32.44 9.55
N LEU A 234 25.58 -33.03 8.90
CA LEU A 234 26.34 -32.31 7.88
C LEU A 234 26.35 -33.02 6.53
N LEU A 235 26.50 -34.35 6.51
CA LEU A 235 26.71 -35.03 5.23
C LEU A 235 25.50 -34.90 4.32
N ILE A 236 24.29 -35.17 4.84
CA ILE A 236 23.09 -35.00 4.03
C ILE A 236 22.86 -33.56 3.61
N PRO A 237 22.92 -32.57 4.50
CA PRO A 237 22.69 -31.19 4.02
C PRO A 237 23.81 -30.64 3.15
N PHE A 238 25.08 -30.96 3.45
CA PHE A 238 26.16 -30.42 2.63
C PHE A 238 26.21 -31.03 1.23
N THR A 239 25.56 -32.17 1.01
CA THR A 239 25.34 -32.61 -0.35
C THR A 239 24.46 -31.62 -1.09
N ILE A 240 23.43 -31.08 -0.42
CA ILE A 240 22.58 -30.07 -1.03
C ILE A 240 23.33 -28.75 -1.16
N PHE A 241 24.12 -28.38 -0.15
CA PHE A 241 24.92 -27.17 -0.23
C PHE A 241 25.87 -27.22 -1.42
N MET A 242 26.53 -28.36 -1.62
CA MET A 242 27.43 -28.49 -2.76
C MET A 242 26.67 -28.38 -4.07
N PHE A 243 25.57 -29.13 -4.21
CA PHE A 243 24.87 -29.16 -5.48
C PHE A 243 24.34 -27.79 -5.86
N CYS A 244 23.80 -27.06 -4.90
CA CYS A 244 23.18 -25.78 -5.20
C CYS A 244 24.21 -24.71 -5.54
N TYR A 245 25.29 -24.62 -4.75
CA TYR A 245 26.17 -23.47 -4.88
C TYR A 245 27.09 -23.55 -6.10
N ILE A 246 27.58 -24.74 -6.45
CA ILE A 246 28.31 -24.86 -7.71
C ILE A 246 27.37 -24.67 -8.89
N LYS A 247 26.11 -25.12 -8.76
CA LYS A 247 25.15 -24.91 -9.83
C LYS A 247 24.87 -23.43 -10.05
N ILE A 248 24.97 -22.62 -8.99
CA ILE A 248 24.83 -21.18 -9.15
C ILE A 248 25.92 -20.65 -10.05
N LEU A 249 27.13 -21.20 -9.93
CA LEU A 249 28.24 -20.77 -10.77
C LEU A 249 27.98 -21.06 -12.24
N HIS A 250 27.49 -22.27 -12.55
CA HIS A 250 27.27 -22.65 -13.95
C HIS A 250 26.23 -21.75 -14.61
N GLN A 251 25.12 -21.48 -13.91
CA GLN A 251 24.13 -20.57 -14.46
C GLN A 251 24.67 -19.15 -14.55
N LEU A 252 25.44 -18.72 -13.54
CA LEU A 252 25.98 -17.36 -13.56
C LEU A 252 27.10 -17.20 -14.57
N LYS A 253 27.84 -18.28 -14.85
CA LYS A 253 28.80 -18.23 -15.95
C LYS A 253 28.10 -18.01 -17.28
N ARG A 254 26.98 -18.70 -17.50
CA ARG A 254 26.18 -18.53 -18.70
C ARG A 254 25.13 -17.42 -18.49
N CYS A 255 25.64 -16.21 -18.30
CA CYS A 255 24.78 -15.06 -18.05
C CYS A 255 25.51 -13.79 -18.47
N GLN A 256 24.72 -12.73 -18.67
CA GLN A 256 25.24 -11.42 -19.09
C GLN A 256 24.84 -10.40 -18.04
N ASN A 257 25.75 -10.11 -17.11
CA ASN A 257 25.49 -9.12 -16.07
C ASN A 257 26.76 -8.36 -15.75
N HIS A 258 26.58 -7.12 -15.29
CA HIS A 258 27.67 -6.39 -14.67
C HIS A 258 27.95 -6.90 -13.27
N ASN A 259 26.92 -7.40 -12.59
CA ASN A 259 27.04 -7.91 -11.23
C ASN A 259 27.48 -9.37 -11.19
N LYS A 260 27.67 -10.01 -12.35
CA LYS A 260 28.00 -11.43 -12.35
C LYS A 260 29.38 -11.69 -11.76
N THR A 261 30.32 -10.76 -11.98
CA THR A 261 31.66 -10.95 -11.44
C THR A 261 31.66 -10.83 -9.92
N LYS A 262 31.01 -9.80 -9.38
CA LYS A 262 30.91 -9.64 -7.94
C LYS A 262 30.16 -10.80 -7.31
N ALA A 263 29.09 -11.25 -7.96
CA ALA A 263 28.33 -12.39 -7.44
C ALA A 263 29.15 -13.67 -7.46
N ILE A 264 29.95 -13.88 -8.51
CA ILE A 264 30.85 -15.03 -8.55
C ILE A 264 31.84 -14.96 -7.39
N ARG A 265 32.41 -13.78 -7.17
CA ARG A 265 33.35 -13.61 -6.07
C ARG A 265 32.69 -13.94 -4.74
N LEU A 266 31.48 -13.43 -4.52
CA LEU A 266 30.81 -13.65 -3.24
C LEU A 266 30.39 -15.09 -3.04
N VAL A 267 29.88 -15.74 -4.09
CA VAL A 267 29.46 -17.13 -3.95
C VAL A 267 30.67 -18.03 -3.71
N LEU A 268 31.78 -17.75 -4.39
CA LEU A 268 33.01 -18.49 -4.11
C LEU A 268 33.47 -18.25 -2.69
N ILE A 269 33.40 -17.01 -2.21
CA ILE A 269 33.82 -16.71 -0.85
C ILE A 269 32.98 -17.49 0.15
N VAL A 270 31.66 -17.51 -0.05
CA VAL A 270 30.77 -18.22 0.86
C VAL A 270 31.06 -19.72 0.83
N VAL A 271 31.19 -20.28 -0.36
CA VAL A 271 31.31 -21.74 -0.46
C VAL A 271 32.66 -22.20 0.08
N ILE A 272 33.71 -21.40 -0.10
CA ILE A 272 35.00 -21.78 0.48
C ILE A 272 34.99 -21.59 1.99
N ALA A 273 34.41 -20.48 2.48
CA ALA A 273 34.47 -20.18 3.90
C ALA A 273 33.65 -21.18 4.72
N SER A 274 32.48 -21.56 4.20
CA SER A 274 31.68 -22.56 4.90
C SER A 274 32.48 -23.83 5.11
N LEU A 275 33.13 -24.32 4.05
CA LEU A 275 34.03 -25.46 4.19
C LEU A 275 35.11 -25.18 5.23
N LEU A 276 35.78 -24.03 5.11
CA LEU A 276 36.93 -23.72 5.95
C LEU A 276 36.59 -23.83 7.43
N PHE A 277 35.49 -23.23 7.86
CA PHE A 277 35.14 -23.29 9.27
C PHE A 277 34.03 -24.28 9.59
N TRP A 278 33.73 -25.22 8.71
CA TRP A 278 32.63 -26.14 8.94
C TRP A 278 32.94 -27.60 8.67
N VAL A 279 33.83 -27.90 7.71
CA VAL A 279 34.17 -29.30 7.44
C VAL A 279 35.19 -29.87 8.42
N PRO A 280 36.22 -29.13 8.87
CA PRO A 280 37.20 -29.77 9.77
C PRO A 280 36.57 -30.30 11.04
N PHE A 281 35.56 -29.61 11.55
CA PHE A 281 34.88 -30.09 12.75
C PHE A 281 34.24 -31.45 12.51
N ASN A 282 33.55 -31.62 11.37
CA ASN A 282 32.87 -32.88 11.13
C ASN A 282 33.86 -34.01 10.89
N VAL A 283 34.94 -33.75 10.13
CA VAL A 283 35.88 -34.85 9.90
C VAL A 283 36.61 -35.21 11.19
N VAL A 284 36.92 -34.21 12.03
CA VAL A 284 37.58 -34.50 13.29
C VAL A 284 36.64 -35.27 14.22
N LEU A 285 35.37 -34.91 14.24
CA LEU A 285 34.39 -35.67 15.03
C LEU A 285 34.27 -37.09 14.53
N PHE A 286 34.28 -37.28 13.22
CA PHE A 286 34.21 -38.63 12.65
C PHE A 286 35.44 -39.44 13.04
N LEU A 287 36.63 -38.83 13.01
CA LEU A 287 37.84 -39.51 13.43
C LEU A 287 37.80 -39.84 14.91
N THR A 288 37.25 -38.93 15.73
CA THR A 288 37.13 -39.19 17.16
C THR A 288 36.17 -40.34 17.43
N SER A 289 35.08 -40.42 16.67
CA SER A 289 34.18 -41.57 16.79
C SER A 289 34.87 -42.86 16.39
N LEU A 290 35.68 -42.81 15.33
CA LEU A 290 36.45 -43.98 14.92
C LEU A 290 37.39 -44.43 16.03
N HIS A 291 38.06 -43.46 16.67
CA HIS A 291 38.95 -43.78 17.78
C HIS A 291 38.18 -44.38 18.95
N SER A 292 37.00 -43.83 19.24
CA SER A 292 36.19 -44.34 20.33
C SER A 292 35.76 -45.78 20.09
N MET A 293 35.38 -46.12 18.85
CA MET A 293 35.06 -47.51 18.56
C MET A 293 36.28 -48.30 18.12
N HIS A 294 37.48 -47.75 18.29
CA HIS A 294 38.74 -48.50 18.42
C HIS A 294 39.22 -49.16 17.14
N ILE A 295 38.71 -48.75 15.97
CA ILE A 295 39.33 -49.22 14.74
C ILE A 295 40.69 -48.58 14.53
N LEU A 296 40.80 -47.29 14.82
CA LEU A 296 42.07 -46.56 14.80
C LEU A 296 42.36 -46.09 16.21
N ASP A 297 43.35 -46.70 16.85
CA ASP A 297 43.63 -46.48 18.27
C ASP A 297 45.08 -46.05 18.47
N GLY A 298 45.28 -45.03 19.29
CA GLY A 298 46.61 -44.59 19.69
C GLY A 298 46.55 -43.65 20.88
N CYS A 299 47.35 -43.93 21.92
CA CYS A 299 47.30 -43.10 23.12
C CYS A 299 47.83 -41.70 22.85
N SER A 300 49.02 -41.60 22.24
CA SER A 300 49.50 -40.30 21.79
C SER A 300 48.56 -39.73 20.75
N ILE A 301 48.02 -40.60 19.89
CA ILE A 301 46.99 -40.18 18.95
C ILE A 301 45.76 -39.68 19.69
N SER A 302 45.43 -40.31 20.83
CA SER A 302 44.30 -39.85 21.62
C SER A 302 44.53 -38.45 22.20
N GLN A 303 45.75 -38.20 22.69
CA GLN A 303 46.06 -36.86 23.20
C GLN A 303 46.03 -35.82 22.08
N GLN A 304 46.62 -36.16 20.93
CA GLN A 304 46.54 -35.27 19.79
C GLN A 304 45.10 -35.06 19.33
N LEU A 305 44.25 -36.07 19.50
CA LEU A 305 42.85 -35.95 19.16
C LEU A 305 42.09 -35.05 20.13
N THR A 306 42.44 -35.08 21.41
CA THR A 306 41.86 -34.12 22.35
C THR A 306 42.25 -32.69 21.99
N TYR A 307 43.54 -32.48 21.68
CA TYR A 307 43.99 -31.16 21.25
C TYR A 307 43.28 -30.74 19.96
N ALA A 308 43.13 -31.69 19.03
CA ALA A 308 42.43 -31.40 17.78
C ALA A 308 40.95 -31.12 18.02
N THR A 309 40.34 -31.77 19.02
CA THR A 309 38.97 -31.46 19.37
C THR A 309 38.85 -30.02 19.86
N HIS A 310 39.80 -29.58 20.68
CA HIS A 310 39.79 -28.19 21.12
C HIS A 310 39.92 -27.23 19.94
N VAL A 311 40.93 -27.45 19.10
CA VAL A 311 41.16 -26.52 17.99
C VAL A 311 40.03 -26.59 16.97
N THR A 312 39.42 -27.76 16.79
CA THR A 312 38.34 -27.88 15.82
C THR A 312 37.04 -27.29 16.37
N GLU A 313 36.87 -27.29 17.69
CA GLU A 313 35.79 -26.50 18.26
C GLU A 313 36.01 -25.02 17.99
N ILE A 314 37.25 -24.56 18.14
CA ILE A 314 37.58 -23.17 17.81
C ILE A 314 37.18 -22.87 16.36
N ILE A 315 37.58 -23.76 15.45
CA ILE A 315 37.31 -23.56 14.03
C ILE A 315 35.81 -23.60 13.76
N SER A 316 35.10 -24.54 14.37
CA SER A 316 33.68 -24.71 14.09
C SER A 316 32.87 -23.49 14.56
N PHE A 317 33.18 -22.96 15.74
CA PHE A 317 32.35 -21.87 16.25
C PHE A 317 33.04 -20.51 16.14
N THR A 318 34.06 -20.38 15.30
CA THR A 318 34.29 -19.06 14.72
C THR A 318 33.22 -18.72 13.68
N HIS A 319 32.44 -19.72 13.25
CA HIS A 319 31.38 -19.47 12.28
C HIS A 319 30.30 -18.56 12.87
N CYS A 320 30.07 -18.64 14.17
CA CYS A 320 29.04 -17.81 14.79
C CYS A 320 29.32 -16.33 14.60
N CYS A 321 30.57 -15.96 14.37
CA CYS A 321 30.91 -14.59 14.01
C CYS A 321 31.05 -14.37 12.51
N VAL A 322 31.69 -15.29 11.79
CA VAL A 322 32.00 -14.99 10.40
C VAL A 322 30.75 -15.13 9.52
N ASN A 323 29.89 -16.10 9.79
CA ASN A 323 28.72 -16.33 8.95
C ASN A 323 27.83 -15.10 8.81
N PRO A 324 27.48 -14.38 9.89
CA PRO A 324 26.66 -13.18 9.69
C PRO A 324 27.29 -12.16 8.75
N VAL A 325 28.61 -11.95 8.80
CA VAL A 325 29.21 -10.93 7.96
C VAL A 325 29.12 -11.33 6.50
N ILE A 326 29.46 -12.58 6.17
CA ILE A 326 29.44 -13.02 4.78
C ILE A 326 28.02 -13.19 4.26
N TYR A 327 27.03 -13.42 5.13
CA TYR A 327 25.67 -13.63 4.65
C TYR A 327 24.80 -12.38 4.66
N ALA A 328 25.13 -11.36 5.46
CA ALA A 328 24.35 -10.14 5.48
C ALA A 328 25.17 -8.92 5.14
N PHE A 329 26.33 -8.73 5.78
CA PHE A 329 26.99 -7.43 5.74
C PHE A 329 27.53 -7.11 4.35
N VAL A 330 28.12 -8.09 3.66
CA VAL A 330 28.49 -7.88 2.27
C VAL A 330 27.23 -7.86 1.42
N GLY A 331 27.25 -7.05 0.39
CA GLY A 331 26.08 -6.91 -0.46
C GLY A 331 25.52 -5.50 -0.42
N GLU A 332 24.96 -5.07 -1.55
CA GLU A 332 24.57 -3.67 -1.70
C GLU A 332 23.45 -3.29 -0.74
N LYS A 333 22.47 -4.17 -0.55
CA LYS A 333 21.29 -3.79 0.22
C LYS A 333 21.64 -3.49 1.67
N PHE A 334 22.53 -4.27 2.27
CA PHE A 334 22.80 -4.07 3.69
C PHE A 334 23.64 -2.83 3.91
N LYS A 335 24.58 -2.55 3.00
CA LYS A 335 25.32 -1.29 3.09
C LYS A 335 24.38 -0.10 2.91
N LYS A 336 23.41 -0.22 2.01
CA LYS A 336 22.44 0.85 1.83
C LYS A 336 21.63 1.08 3.11
N HIS A 337 21.15 -0.01 3.72
CA HIS A 337 20.39 0.12 4.96
C HIS A 337 21.26 0.71 6.07
N LEU A 338 22.53 0.29 6.15
CA LEU A 338 23.42 0.83 7.18
C LEU A 338 23.65 2.32 6.98
N SER A 339 23.84 2.74 5.73
CA SER A 339 23.99 4.17 5.45
C SER A 339 22.74 4.94 5.82
N GLU A 340 21.56 4.38 5.51
CA GLU A 340 20.31 5.03 5.89
C GLU A 340 20.17 5.14 7.40
N ILE A 341 20.55 4.09 8.13
CA ILE A 341 20.47 4.10 9.58
C ILE A 341 21.41 5.17 10.15
N PHE A 342 22.65 5.22 9.64
CA PHE A 342 23.58 6.23 10.09
C PHE A 342 23.07 7.63 9.80
N GLN A 343 22.39 7.81 8.65
CA GLN A 343 21.78 9.10 8.34
C GLN A 343 20.71 9.44 9.37
N LYS A 344 19.91 8.46 9.78
CA LYS A 344 18.88 8.67 10.80
C LYS A 344 19.49 9.11 12.12
N CYS B 3 -12.16 -6.17 25.61
CA CYS B 3 -12.32 -5.84 24.21
C CYS B 3 -12.78 -4.38 24.05
N THR B 4 -13.78 -4.00 24.82
CA THR B 4 -14.34 -2.65 24.81
C THR B 4 -14.77 -2.24 23.40
N LEU B 5 -15.31 -3.20 22.65
CA LEU B 5 -15.78 -2.97 21.30
C LEU B 5 -17.14 -3.63 21.11
N SER B 6 -18.04 -2.93 20.43
CA SER B 6 -19.39 -3.43 20.22
C SER B 6 -19.36 -4.62 19.27
N ALA B 7 -20.52 -5.26 19.11
CA ALA B 7 -20.65 -6.32 18.13
C ALA B 7 -20.42 -5.79 16.71
N GLU B 8 -21.00 -4.65 16.40
CA GLU B 8 -20.83 -4.06 15.07
C GLU B 8 -19.40 -3.61 14.84
N ASP B 9 -18.75 -3.09 15.89
CA ASP B 9 -17.34 -2.72 15.75
C ASP B 9 -16.48 -3.94 15.44
N LYS B 10 -16.72 -5.05 16.14
CA LYS B 10 -15.98 -6.27 15.86
C LYS B 10 -16.23 -6.78 14.46
N ALA B 11 -17.49 -6.72 14.01
CA ALA B 11 -17.79 -7.19 12.66
C ALA B 11 -17.17 -6.30 11.61
N ALA B 12 -17.09 -5.00 11.86
CA ALA B 12 -16.38 -4.11 10.96
C ALA B 12 -14.89 -4.44 10.92
N VAL B 13 -14.31 -4.77 12.07
CA VAL B 13 -12.91 -5.18 12.10
C VAL B 13 -12.72 -6.47 11.31
N GLU B 14 -13.70 -7.37 11.36
CA GLU B 14 -13.61 -8.60 10.57
C GLU B 14 -13.71 -8.32 9.08
N ARG B 15 -14.57 -7.38 8.69
CA ARG B 15 -14.61 -6.95 7.30
C ARG B 15 -13.27 -6.37 6.87
N SER B 16 -12.66 -5.56 7.74
CA SER B 16 -11.35 -5.01 7.43
C SER B 16 -10.30 -6.12 7.28
N LYS B 17 -10.39 -7.16 8.12
CA LYS B 17 -9.47 -8.28 8.01
C LYS B 17 -9.62 -8.98 6.66
N MET B 18 -10.87 -9.19 6.22
CA MET B 18 -11.08 -9.77 4.90
C MET B 18 -10.49 -8.89 3.82
N ILE B 19 -10.65 -7.57 3.96
CA ILE B 19 -10.13 -6.65 2.94
C ILE B 19 -8.60 -6.71 2.89
N ASP B 20 -7.95 -6.76 4.05
CA ASP B 20 -6.50 -6.90 4.07
C ASP B 20 -6.04 -8.21 3.45
N ARG B 21 -6.78 -9.29 3.71
CA ARG B 21 -6.42 -10.57 3.11
C ARG B 21 -6.49 -10.49 1.58
N ASN B 22 -7.56 -9.89 1.06
CA ASN B 22 -7.68 -9.75 -0.39
C ASN B 22 -6.60 -8.85 -0.95
N LEU B 23 -6.24 -7.79 -0.21
CA LEU B 23 -5.18 -6.90 -0.66
C LEU B 23 -3.84 -7.63 -0.74
N ARG B 24 -3.54 -8.46 0.25
CA ARG B 24 -2.30 -9.24 0.21
C ARG B 24 -2.30 -10.21 -0.97
N GLU B 25 -3.44 -10.85 -1.24
CA GLU B 25 -3.53 -11.76 -2.37
C GLU B 25 -3.27 -11.03 -3.68
N ASP B 26 -3.91 -9.87 -3.87
CA ASP B 26 -3.72 -9.10 -5.09
C ASP B 26 -2.29 -8.59 -5.20
N GLY B 27 -1.68 -8.21 -4.08
CA GLY B 27 -0.29 -7.78 -4.12
C GLY B 27 0.66 -8.89 -4.52
N GLU B 28 0.43 -10.10 -4.02
CA GLU B 28 1.22 -11.25 -4.46
C GLU B 28 1.04 -11.48 -5.95
N LYS B 29 -0.21 -11.41 -6.44
CA LYS B 29 -0.44 -11.62 -7.86
C LYS B 29 0.29 -10.58 -8.69
N ALA B 30 0.27 -9.32 -8.26
CA ALA B 30 0.99 -8.28 -9.00
C ALA B 30 2.49 -8.50 -8.94
N ALA B 31 3.01 -8.94 -7.80
CA ALA B 31 4.45 -9.18 -7.67
C ALA B 31 4.90 -10.31 -8.58
N ARG B 32 4.03 -11.28 -8.84
CA ARG B 32 4.38 -12.36 -9.76
C ARG B 32 4.55 -11.85 -11.19
N GLU B 33 4.16 -10.61 -11.45
CA GLU B 33 4.03 -10.11 -12.82
C GLU B 33 5.22 -9.24 -13.20
N VAL B 34 5.57 -9.27 -14.48
CA VAL B 34 6.75 -8.58 -15.02
C VAL B 34 6.28 -7.38 -15.82
N LYS B 35 6.83 -6.21 -15.52
CA LYS B 35 6.34 -4.95 -16.06
C LYS B 35 7.32 -4.38 -17.08
N LEU B 36 6.79 -4.06 -18.26
CA LEU B 36 7.56 -3.49 -19.36
C LEU B 36 6.92 -2.16 -19.74
N LEU B 37 7.76 -1.14 -19.91
CA LEU B 37 7.31 0.17 -20.35
C LEU B 37 7.83 0.40 -21.76
N LEU B 38 6.92 0.58 -22.72
CA LEU B 38 7.28 0.57 -24.14
C LEU B 38 7.24 1.98 -24.69
N LEU B 39 8.38 2.45 -25.19
CA LEU B 39 8.53 3.79 -25.77
C LEU B 39 8.97 3.66 -27.21
N GLY B 40 8.18 4.25 -28.11
CA GLY B 40 8.54 4.28 -29.51
C GLY B 40 8.66 5.70 -30.04
N ALA B 41 9.86 6.06 -30.51
CA ALA B 41 10.08 7.41 -31.02
C ALA B 41 9.36 7.60 -32.34
N GLY B 42 8.15 8.14 -32.29
CA GLY B 42 7.35 8.23 -33.49
C GLY B 42 6.98 6.85 -34.00
N GLU B 43 6.83 6.75 -35.32
CA GLU B 43 6.52 5.48 -35.96
C GLU B 43 7.79 4.63 -35.95
N SER B 44 7.99 3.91 -34.86
CA SER B 44 9.19 3.11 -34.66
C SER B 44 8.87 1.62 -34.51
N GLY B 45 7.89 1.13 -35.26
CA GLY B 45 7.55 -0.27 -35.21
C GLY B 45 6.84 -0.69 -33.94
N LYS B 46 6.35 0.27 -33.15
CA LYS B 46 5.68 -0.03 -31.90
C LYS B 46 4.45 -0.90 -32.14
N ASN B 47 3.56 -0.45 -33.03
CA ASN B 47 2.33 -1.18 -33.28
C ASN B 47 2.61 -2.57 -33.84
N THR B 48 3.58 -2.67 -34.76
CA THR B 48 3.87 -3.95 -35.40
C THR B 48 4.31 -4.98 -34.36
N ILE B 49 5.30 -4.63 -33.54
CA ILE B 49 5.76 -5.58 -32.53
C ILE B 49 4.66 -5.86 -31.52
N VAL B 50 3.82 -4.87 -31.22
CA VAL B 50 2.69 -5.12 -30.32
C VAL B 50 1.78 -6.19 -30.89
N LYS B 51 1.48 -6.14 -32.20
CA LYS B 51 0.71 -7.22 -32.79
C LYS B 51 1.47 -8.54 -32.73
N GLN B 52 2.78 -8.52 -32.92
CA GLN B 52 3.56 -9.75 -32.94
C GLN B 52 3.46 -10.51 -31.61
N MET B 53 3.56 -9.79 -30.48
CA MET B 53 3.51 -10.48 -29.20
C MET B 53 2.09 -10.87 -28.82
N LYS B 54 1.08 -10.36 -29.53
CA LYS B 54 -0.29 -10.79 -29.31
C LYS B 54 -0.83 -11.50 -30.56
N THR B 182 -7.49 7.22 -25.64
CA THR B 182 -7.14 7.27 -24.23
C THR B 182 -5.65 7.51 -24.05
N GLY B 183 -5.24 7.77 -22.81
CA GLY B 183 -3.85 8.12 -22.55
C GLY B 183 -2.90 6.94 -22.63
N ILE B 184 -3.25 5.84 -21.97
CA ILE B 184 -2.35 4.70 -21.84
C ILE B 184 -2.99 3.49 -22.51
N VAL B 185 -2.14 2.66 -23.12
CA VAL B 185 -2.58 1.41 -23.74
C VAL B 185 -1.89 0.27 -23.01
N GLU B 186 -2.68 -0.61 -22.40
CA GLU B 186 -2.16 -1.67 -21.55
C GLU B 186 -2.39 -3.01 -22.21
N THR B 187 -1.38 -3.86 -22.18
CA THR B 187 -1.47 -5.21 -22.73
C THR B 187 -0.92 -6.20 -21.71
N HIS B 188 -1.51 -7.39 -21.65
CA HIS B 188 -1.03 -8.45 -20.78
C HIS B 188 -0.91 -9.73 -21.58
N PHE B 189 0.22 -10.41 -21.42
CA PHE B 189 0.41 -11.70 -22.07
C PHE B 189 1.32 -12.58 -21.24
N THR B 190 1.09 -13.88 -21.29
CA THR B 190 1.88 -14.86 -20.58
C THR B 190 2.66 -15.71 -21.56
N PHE B 191 3.96 -15.82 -21.35
CA PHE B 191 4.81 -16.73 -22.11
C PHE B 191 5.53 -17.67 -21.17
N LYS B 192 5.41 -18.97 -21.44
CA LYS B 192 5.98 -20.06 -20.65
C LYS B 192 5.89 -19.76 -19.15
N ASP B 193 4.65 -19.56 -18.70
CA ASP B 193 4.32 -19.39 -17.28
C ASP B 193 4.97 -18.15 -16.68
N LEU B 194 5.16 -17.12 -17.50
CA LEU B 194 5.64 -15.83 -17.00
C LEU B 194 4.73 -14.73 -17.54
N HIS B 195 4.21 -13.90 -16.63
CA HIS B 195 3.22 -12.89 -16.98
C HIS B 195 3.90 -11.56 -17.27
N PHE B 196 3.37 -10.85 -18.27
CA PHE B 196 3.93 -9.59 -18.73
C PHE B 196 2.81 -8.57 -18.86
N LYS B 197 3.01 -7.40 -18.25
CA LYS B 197 2.18 -6.23 -18.49
C LYS B 197 3.02 -5.20 -19.22
N MET B 198 2.63 -4.91 -20.46
CA MET B 198 3.28 -3.89 -21.29
C MET B 198 2.43 -2.63 -21.30
N PHE B 199 3.04 -1.51 -20.94
CA PHE B 199 2.37 -0.22 -20.91
C PHE B 199 2.94 0.66 -22.01
N ASP B 200 2.06 1.08 -22.92
CA ASP B 200 2.39 2.03 -23.98
C ASP B 200 1.85 3.39 -23.60
N VAL B 201 2.69 4.42 -23.75
CA VAL B 201 2.34 5.79 -23.43
C VAL B 201 2.52 6.70 -24.64
N GLY B 202 2.40 6.14 -25.85
CA GLY B 202 2.64 6.92 -27.06
C GLY B 202 1.65 8.05 -27.24
N ALA B 203 0.40 7.85 -26.83
CA ALA B 203 -0.64 8.84 -26.99
C ALA B 203 -0.75 9.86 -25.88
N GLN B 204 0.18 9.88 -24.93
CA GLN B 204 0.09 10.81 -23.81
C GLN B 204 0.22 12.25 -24.29
N ARG B 205 1.29 12.54 -25.05
CA ARG B 205 1.50 13.87 -25.64
C ARG B 205 1.45 14.98 -24.59
N SER B 206 2.06 14.73 -23.43
CA SER B 206 2.16 15.71 -22.37
C SER B 206 3.61 15.80 -21.90
N GLU B 207 3.85 16.64 -20.90
CA GLU B 207 5.17 16.80 -20.34
C GLU B 207 5.58 15.50 -19.66
N ARG B 208 6.55 14.80 -20.25
CA ARG B 208 6.95 13.49 -19.73
C ARG B 208 7.52 13.57 -18.32
N LYS B 209 8.01 14.73 -17.92
CA LYS B 209 8.61 14.85 -16.59
C LYS B 209 7.58 14.64 -15.48
N LYS B 210 6.29 14.80 -15.79
CA LYS B 210 5.27 14.71 -14.76
C LYS B 210 4.73 13.29 -14.59
N TRP B 211 4.80 12.46 -15.63
CA TRP B 211 4.23 11.13 -15.57
C TRP B 211 5.22 10.01 -15.86
N ILE B 212 6.51 10.31 -16.05
CA ILE B 212 7.48 9.26 -16.29
C ILE B 212 7.94 8.61 -14.98
N HIS B 213 7.77 9.29 -13.85
CA HIS B 213 8.17 8.74 -12.57
C HIS B 213 7.18 7.70 -12.05
N CYS B 214 5.95 7.70 -12.57
CA CYS B 214 4.97 6.70 -12.17
C CYS B 214 5.38 5.30 -12.60
N PHE B 215 6.30 5.19 -13.56
CA PHE B 215 6.78 3.91 -14.04
C PHE B 215 8.08 3.48 -13.38
N GLU B 216 8.54 4.21 -12.37
CA GLU B 216 9.67 3.75 -11.59
C GLU B 216 9.34 2.41 -10.96
N GLY B 217 10.24 1.45 -11.10
CA GLY B 217 10.01 0.11 -10.63
C GLY B 217 9.60 -0.90 -11.69
N VAL B 218 9.56 -0.50 -12.96
CA VAL B 218 9.23 -1.44 -14.02
C VAL B 218 10.37 -2.42 -14.18
N THR B 219 10.04 -3.65 -14.59
CA THR B 219 11.07 -4.65 -14.81
C THR B 219 12.00 -4.22 -15.94
N ALA B 220 11.46 -3.69 -17.03
CA ALA B 220 12.33 -3.23 -18.11
C ALA B 220 11.61 -2.22 -18.98
N ILE B 221 12.41 -1.46 -19.74
CA ILE B 221 11.90 -0.49 -20.70
C ILE B 221 12.23 -0.98 -22.09
N ILE B 222 11.21 -1.24 -22.89
CA ILE B 222 11.39 -1.53 -24.30
C ILE B 222 11.46 -0.21 -25.04
N PHE B 223 12.47 -0.06 -25.89
CA PHE B 223 12.73 1.19 -26.61
C PHE B 223 12.87 0.89 -28.09
N CYS B 224 11.94 1.37 -28.89
CA CYS B 224 11.89 1.05 -30.30
C CYS B 224 12.55 2.15 -31.12
N VAL B 225 13.52 1.77 -31.95
CA VAL B 225 14.19 2.71 -32.84
C VAL B 225 14.10 2.16 -34.26
N ALA B 226 13.66 2.98 -35.19
CA ALA B 226 13.52 2.59 -36.59
C ALA B 226 14.79 3.00 -37.34
N LEU B 227 15.45 2.01 -37.94
CA LEU B 227 16.69 2.29 -38.65
C LEU B 227 16.47 2.96 -39.99
N SER B 228 15.31 2.74 -40.61
CA SER B 228 15.01 3.34 -41.90
C SER B 228 14.77 4.83 -41.82
N ASP B 229 14.72 5.39 -40.61
CA ASP B 229 14.32 6.77 -40.42
C ASP B 229 15.45 7.77 -40.63
N TYR B 230 16.69 7.33 -40.83
CA TYR B 230 17.78 8.31 -40.92
C TYR B 230 17.75 9.05 -42.26
N ASP B 231 17.23 8.43 -43.31
CA ASP B 231 16.97 9.19 -44.53
C ASP B 231 15.75 10.08 -44.37
N LEU B 232 14.69 9.56 -43.74
CA LEU B 232 13.50 10.35 -43.53
C LEU B 232 13.75 11.47 -42.53
N VAL B 233 12.87 12.46 -42.55
CA VAL B 233 12.99 13.62 -41.68
C VAL B 233 11.70 13.77 -40.89
N LEU B 234 11.80 14.52 -39.78
CA LEU B 234 10.65 14.71 -38.92
C LEU B 234 9.58 15.53 -39.62
N ALA B 235 8.32 15.31 -39.23
CA ALA B 235 7.21 16.06 -39.80
C ALA B 235 7.34 17.55 -39.51
N GLU B 236 8.01 17.91 -38.42
CA GLU B 236 8.25 19.31 -38.09
C GLU B 236 9.48 19.80 -38.85
N ASP B 237 9.29 19.93 -40.17
CA ASP B 237 10.32 20.39 -41.10
C ASP B 237 11.50 19.43 -41.19
N GLU B 238 12.33 19.61 -42.20
CA GLU B 238 13.50 18.76 -42.43
C GLU B 238 14.68 19.14 -41.56
N GLU B 239 14.49 20.01 -40.56
CA GLU B 239 15.62 20.51 -39.80
C GLU B 239 16.24 19.43 -38.92
N MET B 240 15.45 18.53 -38.37
CA MET B 240 15.97 17.43 -37.57
C MET B 240 15.69 16.10 -38.25
N ASN B 241 16.71 15.23 -38.26
CA ASN B 241 16.51 13.85 -38.69
C ASN B 241 15.72 13.09 -37.63
N ARG B 242 14.97 12.08 -38.08
CA ARG B 242 14.21 11.27 -37.13
C ARG B 242 15.12 10.49 -36.19
N MET B 243 16.27 10.02 -36.69
CA MET B 243 17.23 9.34 -35.83
C MET B 243 17.78 10.29 -34.77
N HIS B 244 18.00 11.56 -35.12
CA HIS B 244 18.48 12.51 -34.13
C HIS B 244 17.52 12.63 -32.97
N GLU B 245 16.23 12.80 -33.27
CA GLU B 245 15.21 12.85 -32.23
C GLU B 245 15.20 11.55 -31.43
N SER B 246 15.38 10.42 -32.12
CA SER B 246 15.43 9.14 -31.43
C SER B 246 16.55 9.12 -30.40
N MET B 247 17.74 9.60 -30.77
CA MET B 247 18.83 9.53 -29.80
C MET B 247 18.69 10.59 -28.70
N LYS B 248 18.09 11.75 -28.97
CA LYS B 248 17.84 12.64 -27.82
C LYS B 248 16.85 12.01 -26.85
N LEU B 249 15.80 11.38 -27.38
CA LEU B 249 14.81 10.76 -26.49
C LEU B 249 15.45 9.61 -25.71
N PHE B 250 16.29 8.82 -26.36
CA PHE B 250 16.98 7.74 -25.67
C PHE B 250 17.92 8.28 -24.61
N ASP B 251 18.67 9.33 -24.93
CA ASP B 251 19.54 9.93 -23.94
C ASP B 251 18.75 10.48 -22.76
N SER B 252 17.52 10.92 -23.02
CA SER B 252 16.67 11.40 -21.93
C SER B 252 16.22 10.27 -21.03
N ILE B 253 15.76 9.16 -21.64
CA ILE B 253 15.10 8.13 -20.84
C ILE B 253 16.11 7.19 -20.18
N CYS B 254 17.16 6.83 -20.93
CA CYS B 254 18.19 5.95 -20.36
C CYS B 254 18.86 6.59 -19.16
N ASN B 255 19.10 7.89 -19.21
CA ASN B 255 19.80 8.60 -18.16
C ASN B 255 18.86 9.28 -17.17
N ASN B 256 17.56 9.05 -17.29
CA ASN B 256 16.60 9.66 -16.38
C ASN B 256 16.86 9.20 -14.95
N LYS B 257 16.56 10.07 -13.99
CA LYS B 257 16.87 9.77 -12.60
C LYS B 257 16.03 8.61 -12.08
N TRP B 258 14.83 8.42 -12.60
CA TRP B 258 13.95 7.36 -12.10
C TRP B 258 14.37 5.99 -12.62
N PHE B 259 14.90 5.94 -13.84
CA PHE B 259 15.31 4.69 -14.47
C PHE B 259 16.80 4.43 -14.31
N THR B 260 17.35 4.82 -13.16
CA THR B 260 18.80 4.71 -12.96
C THR B 260 19.26 3.27 -13.04
N ASP B 261 18.59 2.36 -12.33
CA ASP B 261 18.97 0.95 -12.28
C ASP B 261 18.10 0.07 -13.16
N THR B 262 17.28 0.65 -14.03
CA THR B 262 16.30 -0.12 -14.80
C THR B 262 16.84 -0.43 -16.19
N SER B 263 16.74 -1.69 -16.59
CA SER B 263 17.32 -2.14 -17.84
C SER B 263 16.45 -1.76 -19.04
N ILE B 264 17.09 -1.70 -20.20
CA ILE B 264 16.45 -1.30 -21.44
C ILE B 264 16.66 -2.39 -22.46
N ILE B 265 15.56 -2.91 -23.00
CA ILE B 265 15.58 -3.78 -24.17
C ILE B 265 15.32 -2.88 -25.37
N LEU B 266 16.34 -2.65 -26.19
CA LEU B 266 16.26 -1.64 -27.23
C LEU B 266 16.17 -2.36 -28.57
N PHE B 267 15.01 -2.28 -29.20
CA PHE B 267 14.69 -2.98 -30.43
C PHE B 267 15.00 -2.11 -31.64
N LEU B 268 15.80 -2.65 -32.56
CA LEU B 268 16.11 -1.99 -33.83
C LEU B 268 15.17 -2.56 -34.87
N ASN B 269 14.16 -1.78 -35.26
CA ASN B 269 13.13 -2.24 -36.18
C ASN B 269 13.35 -1.67 -37.58
N LYS B 270 12.63 -2.25 -38.55
CA LYS B 270 12.80 -1.95 -39.98
C LYS B 270 14.15 -2.44 -40.48
N LYS B 271 14.52 -3.66 -40.10
CA LYS B 271 15.81 -4.19 -40.54
C LYS B 271 15.80 -4.50 -42.04
N ASP B 272 14.69 -5.02 -42.55
CA ASP B 272 14.60 -5.31 -43.98
C ASP B 272 14.62 -4.02 -44.80
N LEU B 273 13.94 -2.98 -44.30
CA LEU B 273 13.93 -1.71 -45.01
C LEU B 273 15.32 -1.10 -45.09
N PHE B 274 16.09 -1.16 -43.99
CA PHE B 274 17.47 -0.70 -44.03
C PHE B 274 18.28 -1.54 -45.00
N GLU B 275 18.13 -2.87 -44.95
CA GLU B 275 18.92 -3.74 -45.83
C GLU B 275 18.66 -3.41 -47.30
N GLU B 276 17.40 -3.18 -47.66
CA GLU B 276 17.09 -2.87 -49.06
C GLU B 276 17.48 -1.44 -49.40
N LYS B 277 17.51 -0.56 -48.40
CA LYS B 277 17.51 0.88 -48.66
C LYS B 277 18.86 1.56 -48.38
N ILE B 278 19.80 0.87 -47.74
CA ILE B 278 21.08 1.49 -47.40
C ILE B 278 21.82 1.93 -48.66
N LYS B 279 21.86 1.07 -49.68
CA LYS B 279 22.69 1.33 -50.85
C LYS B 279 22.30 2.63 -51.55
N LYS B 280 21.05 3.06 -51.37
CA LYS B 280 20.61 4.31 -51.99
C LYS B 280 21.26 5.52 -51.31
N SER B 281 21.23 5.56 -49.99
CA SER B 281 21.74 6.70 -49.24
C SER B 281 22.77 6.23 -48.23
N PRO B 282 24.03 6.66 -48.33
CA PRO B 282 25.04 6.26 -47.35
C PRO B 282 24.69 6.81 -45.96
N LEU B 283 25.10 6.05 -44.94
CA LEU B 283 24.84 6.44 -43.55
C LEU B 283 25.59 7.70 -43.15
N THR B 284 26.57 8.14 -43.94
CA THR B 284 27.34 9.32 -43.59
C THR B 284 26.48 10.58 -43.53
N ILE B 285 25.33 10.59 -44.20
CA ILE B 285 24.48 11.78 -44.18
C ILE B 285 23.94 12.02 -42.77
N CYS B 286 23.50 10.96 -42.09
CA CYS B 286 23.05 11.12 -40.70
C CYS B 286 24.24 11.25 -39.76
N TYR B 287 25.31 10.48 -40.00
CA TYR B 287 26.50 10.52 -39.17
C TYR B 287 27.67 10.97 -40.03
N PRO B 288 28.01 12.26 -40.04
CA PRO B 288 29.14 12.73 -40.86
C PRO B 288 30.46 12.06 -40.51
N GLU B 289 30.62 11.65 -39.25
CA GLU B 289 31.84 10.96 -38.84
C GLU B 289 31.92 9.54 -39.39
N TYR B 290 30.86 9.03 -39.99
CA TYR B 290 30.84 7.66 -40.48
C TYR B 290 31.78 7.49 -41.65
N ALA B 291 32.52 6.38 -41.65
CA ALA B 291 33.38 5.99 -42.78
C ALA B 291 33.41 4.46 -42.79
N GLY B 292 32.56 3.87 -43.62
CA GLY B 292 32.47 2.42 -43.67
C GLY B 292 31.72 1.95 -44.89
N SER B 293 31.61 0.63 -45.01
CA SER B 293 30.95 0.03 -46.16
C SER B 293 29.44 0.21 -46.06
N ASN B 294 28.76 0.01 -47.19
CA ASN B 294 27.32 0.13 -47.28
C ASN B 294 26.60 -1.18 -47.01
N THR B 295 27.31 -2.21 -46.56
CA THR B 295 26.66 -3.45 -46.18
C THR B 295 25.82 -3.27 -44.93
N TYR B 296 24.90 -4.21 -44.70
CA TYR B 296 24.02 -4.12 -43.55
C TYR B 296 24.80 -4.23 -42.25
N GLU B 297 25.67 -5.24 -42.14
CA GLU B 297 26.25 -5.59 -40.84
C GLU B 297 27.06 -4.44 -40.26
N GLU B 298 27.89 -3.80 -41.09
CA GLU B 298 28.74 -2.72 -40.59
C GLU B 298 27.89 -1.54 -40.10
N ALA B 299 26.88 -1.16 -40.90
CA ALA B 299 26.04 -0.04 -40.52
C ALA B 299 25.28 -0.34 -39.22
N ALA B 300 24.70 -1.54 -39.13
CA ALA B 300 23.95 -1.90 -37.93
C ALA B 300 24.85 -1.92 -36.70
N ALA B 301 26.08 -2.42 -36.85
CA ALA B 301 27.02 -2.38 -35.74
C ALA B 301 27.33 -0.94 -35.34
N TYR B 302 27.48 -0.06 -36.33
CA TYR B 302 27.73 1.35 -36.02
C TYR B 302 26.60 1.93 -35.18
N ILE B 303 25.35 1.73 -35.62
CA ILE B 303 24.22 2.31 -34.90
C ILE B 303 24.09 1.70 -33.50
N GLN B 304 24.28 0.39 -33.38
CA GLN B 304 24.16 -0.24 -32.08
C GLN B 304 25.21 0.28 -31.12
N CYS B 305 26.45 0.42 -31.60
CA CYS B 305 27.50 0.99 -30.76
C CYS B 305 27.17 2.43 -30.38
N GLN B 306 26.64 3.21 -31.32
CA GLN B 306 26.30 4.59 -31.04
C GLN B 306 25.24 4.70 -29.95
N PHE B 307 24.18 3.88 -30.07
CA PHE B 307 23.12 3.93 -29.08
C PHE B 307 23.59 3.44 -27.73
N GLU B 308 24.41 2.38 -27.71
CA GLU B 308 24.98 1.94 -26.44
C GLU B 308 25.93 2.98 -25.87
N ASP B 309 26.45 3.88 -26.70
CA ASP B 309 27.35 4.92 -26.21
C ASP B 309 26.61 6.03 -25.47
N LEU B 310 25.31 6.18 -25.71
CA LEU B 310 24.55 7.20 -25.00
C LEU B 310 24.37 6.87 -23.53
N ASN B 311 24.64 5.63 -23.14
CA ASN B 311 24.54 5.24 -21.74
C ASN B 311 25.60 5.93 -20.91
N LYS B 312 25.20 6.94 -20.13
CA LYS B 312 26.17 7.63 -19.28
C LYS B 312 26.73 6.69 -18.23
N ARG B 313 25.87 5.87 -17.63
CA ARG B 313 26.24 5.04 -16.50
C ARG B 313 26.13 3.57 -16.91
N LYS B 314 27.29 2.97 -17.14
CA LYS B 314 27.35 1.61 -17.70
C LYS B 314 27.12 0.54 -16.64
N ASP B 315 27.66 0.74 -15.44
CA ASP B 315 27.74 -0.35 -14.47
C ASP B 315 26.38 -0.78 -13.96
N THR B 316 25.49 0.18 -13.67
CA THR B 316 24.22 -0.18 -13.03
C THR B 316 23.31 -0.96 -13.95
N LYS B 317 23.12 -0.48 -15.18
CA LYS B 317 22.10 -1.00 -16.07
C LYS B 317 22.73 -1.71 -17.26
N GLU B 318 21.89 -2.35 -18.05
CA GLU B 318 22.31 -3.01 -19.29
C GLU B 318 21.38 -2.66 -20.42
N ILE B 319 21.87 -2.87 -21.64
CA ILE B 319 21.12 -2.61 -22.86
C ILE B 319 21.17 -3.86 -23.72
N TYR B 320 20.00 -4.38 -24.07
CA TYR B 320 19.87 -5.55 -24.93
C TYR B 320 19.40 -5.11 -26.30
N THR B 321 20.15 -5.45 -27.32
CA THR B 321 19.87 -5.04 -28.69
C THR B 321 19.41 -6.25 -29.49
N HIS B 322 18.33 -6.08 -30.25
CA HIS B 322 17.86 -7.11 -31.15
C HIS B 322 17.24 -6.47 -32.37
N PHE B 323 17.48 -7.06 -33.54
CA PHE B 323 16.95 -6.58 -34.80
C PHE B 323 15.79 -7.47 -35.21
N THR B 324 14.65 -6.86 -35.52
CA THR B 324 13.43 -7.61 -35.76
C THR B 324 12.79 -7.19 -37.09
N CYS B 325 12.03 -8.12 -37.65
CA CYS B 325 11.24 -7.86 -38.85
C CYS B 325 9.81 -8.33 -38.62
N SER B 326 9.00 -8.35 -39.68
CA SER B 326 7.65 -8.88 -39.56
C SER B 326 7.62 -10.41 -39.52
N THR B 327 8.61 -11.06 -40.16
CA THR B 327 8.57 -12.51 -40.29
C THR B 327 8.98 -13.22 -39.01
N ASP B 328 9.93 -12.66 -38.26
CA ASP B 328 10.48 -13.37 -37.12
C ASP B 328 9.45 -13.55 -36.01
N THR B 329 9.59 -14.66 -35.27
CA THR B 329 8.68 -14.97 -34.17
C THR B 329 9.39 -15.13 -32.84
N LYS B 330 10.71 -14.92 -32.79
CA LYS B 330 11.49 -15.09 -31.57
C LYS B 330 11.84 -13.77 -30.90
N ASN B 331 11.26 -12.66 -31.36
CA ASN B 331 11.50 -11.38 -30.70
C ASN B 331 11.02 -11.41 -29.26
N VAL B 332 9.82 -11.95 -29.04
CA VAL B 332 9.32 -12.11 -27.68
C VAL B 332 10.21 -13.04 -26.87
N GLN B 333 10.84 -14.01 -27.54
CA GLN B 333 11.83 -14.83 -26.84
C GLN B 333 13.00 -13.99 -26.38
N PHE B 334 13.44 -13.05 -27.21
CA PHE B 334 14.50 -12.14 -26.79
C PHE B 334 14.04 -11.33 -25.59
N VAL B 335 12.80 -10.87 -25.61
CA VAL B 335 12.26 -10.16 -24.45
C VAL B 335 12.34 -11.05 -23.21
N PHE B 336 12.00 -12.32 -23.36
CA PHE B 336 11.96 -13.21 -22.19
C PHE B 336 13.36 -13.45 -21.64
N ASP B 337 14.34 -13.73 -22.50
CA ASP B 337 15.71 -13.86 -22.01
C ASP B 337 16.17 -12.58 -21.34
N ALA B 338 15.82 -11.42 -21.91
CA ALA B 338 16.23 -10.16 -21.29
C ALA B 338 15.64 -10.02 -19.89
N VAL B 339 14.33 -10.23 -19.75
CA VAL B 339 13.72 -10.03 -18.44
C VAL B 339 14.17 -11.12 -17.48
N THR B 340 14.51 -12.30 -17.99
CA THR B 340 15.08 -13.33 -17.12
C THR B 340 16.41 -12.88 -16.56
N ASP B 341 17.25 -12.27 -17.40
CA ASP B 341 18.48 -11.69 -16.90
C ASP B 341 18.21 -10.62 -15.86
N VAL B 342 17.23 -9.76 -16.10
CA VAL B 342 16.92 -8.70 -15.13
C VAL B 342 16.41 -9.31 -13.82
N ILE B 343 15.58 -10.35 -13.91
CA ILE B 343 15.06 -10.99 -12.71
C ILE B 343 16.18 -11.62 -11.90
N ILE B 344 17.09 -12.32 -12.60
CA ILE B 344 18.22 -12.93 -11.91
C ILE B 344 19.07 -11.87 -11.24
N LYS B 345 19.31 -10.75 -11.93
CA LYS B 345 20.10 -9.68 -11.32
C LYS B 345 19.41 -9.10 -10.10
N ASN B 346 18.09 -8.88 -10.18
CA ASN B 346 17.36 -8.31 -9.07
C ASN B 346 17.41 -9.23 -7.85
N ASN B 347 17.19 -10.52 -8.06
CA ASN B 347 17.27 -11.46 -6.95
C ASN B 347 18.69 -11.59 -6.40
N LEU B 348 19.70 -11.63 -7.28
CA LEU B 348 21.09 -11.61 -6.84
C LEU B 348 21.33 -10.43 -5.91
N LYS B 349 20.78 -9.27 -6.24
CA LYS B 349 20.83 -8.15 -5.33
C LYS B 349 20.07 -8.46 -4.04
N ASP B 350 18.90 -9.07 -4.15
CA ASP B 350 18.09 -9.35 -2.96
C ASP B 350 18.66 -10.51 -2.16
N CYS B 351 19.08 -11.59 -2.84
CA CYS B 351 19.50 -12.80 -2.14
C CYS B 351 20.85 -12.65 -1.46
N GLY B 352 21.60 -11.59 -1.74
CA GLY B 352 22.89 -11.36 -1.13
C GLY B 352 24.07 -11.69 -2.01
N LEU B 353 23.86 -12.48 -3.07
CA LEU B 353 24.95 -12.81 -3.97
C LEU B 353 25.49 -11.55 -4.65
N PHE B 354 24.59 -10.69 -5.12
CA PHE B 354 24.95 -9.41 -5.73
C PHE B 354 26.02 -9.57 -6.81
N GLU C 3 -1.58 43.45 -37.97
CA GLU C 3 -0.19 43.02 -37.86
C GLU C 3 0.04 42.16 -36.63
N LEU C 4 0.62 40.98 -36.83
CA LEU C 4 0.90 40.09 -35.72
C LEU C 4 1.86 40.74 -34.72
N ASP C 5 2.87 41.45 -35.23
CA ASP C 5 3.76 42.18 -34.34
C ASP C 5 3.00 43.24 -33.55
N GLN C 6 2.00 43.87 -34.18
CA GLN C 6 1.18 44.84 -33.45
C GLN C 6 0.39 44.14 -32.33
N LEU C 7 -0.11 42.95 -32.60
CA LEU C 7 -0.82 42.20 -31.55
C LEU C 7 0.11 41.86 -30.40
N ARG C 8 1.34 41.44 -30.73
CA ARG C 8 2.32 41.15 -29.67
C ARG C 8 2.66 42.40 -28.88
N GLN C 9 2.80 43.53 -29.56
CA GLN C 9 3.08 44.79 -28.87
C GLN C 9 1.92 45.18 -27.95
N GLU C 10 0.69 44.98 -28.41
CA GLU C 10 -0.47 45.25 -27.56
C GLU C 10 -0.48 44.35 -26.34
N ALA C 11 -0.12 43.07 -26.53
CA ALA C 11 -0.03 42.16 -25.40
C ALA C 11 1.03 42.63 -24.40
N GLU C 12 2.17 43.09 -24.91
CA GLU C 12 3.21 43.61 -24.02
C GLU C 12 2.73 44.84 -23.27
N GLN C 13 2.00 45.74 -23.96
CA GLN C 13 1.48 46.92 -23.29
C GLN C 13 0.48 46.54 -22.21
N LEU C 14 -0.38 45.55 -22.49
CA LEU C 14 -1.32 45.09 -21.47
C LEU C 14 -0.59 44.48 -20.29
N LYS C 15 0.49 43.73 -20.55
CA LYS C 15 1.27 43.18 -19.46
C LYS C 15 1.88 44.27 -18.60
N ASN C 16 2.41 45.32 -19.25
CA ASN C 16 2.96 46.45 -18.50
C ASN C 16 1.87 47.13 -17.68
N GLN C 17 0.67 47.28 -18.27
CA GLN C 17 -0.43 47.92 -17.55
C GLN C 17 -0.82 47.10 -16.33
N ILE C 18 -0.89 45.78 -16.48
CA ILE C 18 -1.20 44.92 -15.34
C ILE C 18 -0.13 45.07 -14.28
N ARG C 19 1.14 45.01 -14.68
CA ARG C 19 2.22 45.06 -13.69
C ARG C 19 2.24 46.38 -12.94
N ASP C 20 2.09 47.51 -13.63
CA ASP C 20 2.14 48.77 -12.91
C ASP C 20 0.86 49.02 -12.14
N ALA C 21 -0.25 48.41 -12.56
CA ALA C 21 -1.44 48.42 -11.72
C ALA C 21 -1.18 47.73 -10.40
N ARG C 22 -0.52 46.56 -10.44
CA ARG C 22 -0.15 45.88 -9.20
C ARG C 22 0.79 46.75 -8.38
N LYS C 23 1.76 47.39 -9.03
CA LYS C 23 2.72 48.21 -8.31
C LYS C 23 2.03 49.37 -7.59
N ALA C 24 1.06 50.00 -8.26
CA ALA C 24 0.30 51.07 -7.62
C ALA C 24 -0.61 50.53 -6.51
N CYS C 25 -1.13 49.32 -6.69
CA CYS C 25 -2.05 48.73 -5.72
C CYS C 25 -1.34 48.10 -4.53
N ALA C 26 -0.01 48.11 -4.49
CA ALA C 26 0.75 47.54 -3.39
C ALA C 26 1.68 48.62 -2.82
N ASP C 27 1.19 49.35 -1.81
CA ASP C 27 2.06 50.29 -1.11
C ASP C 27 3.07 49.57 -0.23
N ALA C 28 2.63 48.49 0.43
CA ALA C 28 3.47 47.79 1.40
C ALA C 28 3.49 46.29 1.13
N THR C 29 4.06 45.54 2.06
CA THR C 29 4.13 44.07 1.99
C THR C 29 3.49 43.48 3.24
N LEU C 30 3.27 42.17 3.21
CA LEU C 30 2.66 41.51 4.36
C LEU C 30 3.55 41.56 5.59
N SER C 31 4.86 41.40 5.43
CA SER C 31 5.73 41.14 6.58
C SER C 31 5.71 42.30 7.56
N GLN C 32 5.78 43.54 7.05
CA GLN C 32 5.74 44.70 7.93
C GLN C 32 4.41 44.81 8.66
N ILE C 33 3.33 44.36 8.02
CA ILE C 33 2.00 44.52 8.62
C ILE C 33 1.86 43.64 9.86
N THR C 34 2.35 42.40 9.79
CA THR C 34 2.21 41.45 10.90
C THR C 34 3.46 41.38 11.77
N ASN C 35 4.27 42.44 11.79
CA ASN C 35 5.53 42.39 12.52
C ASN C 35 5.33 42.40 14.03
N ASN C 36 4.16 42.81 14.50
CA ASN C 36 3.96 42.95 15.94
C ASN C 36 3.31 41.73 16.58
N ILE C 37 2.65 40.89 15.79
CA ILE C 37 1.89 39.78 16.36
C ILE C 37 2.83 38.72 16.93
N ASP C 38 2.31 37.93 17.87
CA ASP C 38 3.07 36.84 18.45
C ASP C 38 3.13 35.65 17.48
N PRO C 39 4.26 34.98 17.37
CA PRO C 39 4.39 33.86 16.42
C PRO C 39 3.67 32.61 16.94
N VAL C 40 3.47 31.67 16.02
CA VAL C 40 2.89 30.39 16.40
C VAL C 40 3.82 29.63 17.34
N GLY C 41 5.13 29.74 17.11
CA GLY C 41 6.09 28.97 17.88
C GLY C 41 6.24 27.56 17.36
N ARG C 42 7.02 26.77 18.09
CA ARG C 42 7.22 25.38 17.71
C ARG C 42 5.92 24.61 17.83
N ILE C 43 5.60 23.84 16.79
CA ILE C 43 4.40 23.01 16.78
C ILE C 43 4.81 21.61 16.32
N GLN C 44 4.31 20.59 17.01
CA GLN C 44 4.61 19.20 16.69
C GLN C 44 3.32 18.40 16.58
N MET C 45 3.28 17.51 15.59
CA MET C 45 2.17 16.59 15.40
C MET C 45 2.72 15.17 15.36
N ARG C 46 2.10 14.28 16.13
CA ARG C 46 2.60 12.92 16.24
C ARG C 46 1.90 11.99 15.25
N THR C 47 2.46 10.80 15.09
CA THR C 47 1.87 9.79 14.20
C THR C 47 0.77 9.08 14.99
N ARG C 48 -0.40 9.73 15.07
CA ARG C 48 -1.48 9.16 15.86
C ARG C 48 -1.98 7.86 15.25
N ARG C 49 -2.13 7.82 13.93
CA ARG C 49 -2.58 6.62 13.25
C ARG C 49 -1.72 6.39 12.02
N THR C 50 -1.47 5.13 11.72
CA THR C 50 -0.74 4.74 10.52
C THR C 50 -1.61 3.79 9.72
N LEU C 51 -1.98 4.19 8.51
CA LEU C 51 -2.85 3.39 7.67
C LEU C 51 -2.01 2.50 6.76
N ARG C 52 -2.34 1.22 6.76
CA ARG C 52 -1.56 0.20 6.07
C ARG C 52 -2.39 -0.42 4.96
N GLY C 53 -1.76 -1.33 4.22
CA GLY C 53 -2.42 -2.08 3.19
C GLY C 53 -2.13 -1.64 1.77
N HIS C 54 -1.62 -0.42 1.59
CA HIS C 54 -1.19 0.00 0.26
C HIS C 54 0.17 -0.60 -0.03
N LEU C 55 0.36 -1.09 -1.25
CA LEU C 55 1.58 -1.76 -1.63
C LEU C 55 2.36 -1.02 -2.71
N ALA C 56 1.76 -0.01 -3.34
CA ALA C 56 2.44 0.85 -4.30
C ALA C 56 2.41 2.27 -3.77
N LYS C 57 3.07 3.17 -4.50
CA LYS C 57 3.23 4.54 -4.04
C LYS C 57 1.87 5.24 -3.97
N ILE C 58 1.64 5.93 -2.86
CA ILE C 58 0.43 6.72 -2.67
C ILE C 58 0.55 8.00 -3.47
N TYR C 59 -0.45 8.28 -4.29
CA TYR C 59 -0.41 9.47 -5.14
C TYR C 59 -1.40 10.54 -4.75
N ALA C 60 -2.49 10.18 -4.07
CA ALA C 60 -3.51 11.16 -3.75
C ALA C 60 -4.26 10.73 -2.50
N MET C 61 -4.78 11.72 -1.77
CA MET C 61 -5.64 11.49 -0.62
C MET C 61 -6.72 12.56 -0.62
N HIS C 62 -7.83 12.25 0.04
CA HIS C 62 -8.88 13.24 0.27
C HIS C 62 -9.65 12.86 1.52
N TRP C 63 -10.04 13.87 2.27
CA TRP C 63 -10.78 13.70 3.51
C TRP C 63 -12.27 13.81 3.24
N GLY C 64 -13.05 12.98 3.93
CA GLY C 64 -14.48 13.11 3.86
C GLY C 64 -14.97 14.36 4.54
N THR C 65 -16.22 14.72 4.26
CA THR C 65 -16.79 15.93 4.83
C THR C 65 -16.88 15.83 6.36
N ASP C 66 -17.28 14.66 6.87
CA ASP C 66 -17.43 14.49 8.30
C ASP C 66 -16.10 14.50 9.05
N SER C 67 -14.99 14.29 8.33
CA SER C 67 -13.66 14.17 8.91
C SER C 67 -13.48 12.89 9.71
N ARG C 68 -14.22 11.84 9.35
CA ARG C 68 -13.99 10.49 9.84
C ARG C 68 -13.47 9.55 8.77
N LEU C 69 -14.08 9.55 7.60
CA LEU C 69 -13.61 8.72 6.50
C LEU C 69 -12.60 9.48 5.66
N LEU C 70 -11.74 8.72 4.99
CA LEU C 70 -10.78 9.27 4.06
C LEU C 70 -10.56 8.27 2.93
N VAL C 71 -10.03 8.77 1.82
CA VAL C 71 -9.84 7.97 0.60
C VAL C 71 -8.40 8.10 0.15
N SER C 72 -7.79 6.97 -0.21
CA SER C 72 -6.39 6.92 -0.57
C SER C 72 -6.23 6.17 -1.88
N ALA C 73 -5.33 6.67 -2.73
CA ALA C 73 -5.13 6.13 -4.06
C ALA C 73 -3.65 5.82 -4.26
N SER C 74 -3.37 4.69 -4.91
CA SER C 74 -2.00 4.29 -5.18
C SER C 74 -1.96 3.47 -6.46
N GLN C 75 -0.75 3.28 -6.96
CA GLN C 75 -0.54 2.60 -8.24
C GLN C 75 -0.87 1.12 -8.18
N ASP C 76 -1.14 0.56 -7.00
CA ASP C 76 -1.52 -0.84 -6.93
C ASP C 76 -2.91 -1.09 -7.48
N GLY C 77 -3.57 -0.06 -8.02
CA GLY C 77 -4.89 -0.22 -8.57
C GLY C 77 -6.00 -0.28 -7.55
N LYS C 78 -5.72 0.09 -6.31
CA LYS C 78 -6.69 0.01 -5.23
C LYS C 78 -7.00 1.42 -4.73
N LEU C 79 -8.27 1.77 -4.75
CA LEU C 79 -8.78 2.99 -4.15
C LEU C 79 -9.40 2.60 -2.82
N ILE C 80 -8.74 2.92 -1.72
CA ILE C 80 -9.12 2.38 -0.42
C ILE C 80 -9.75 3.50 0.41
N ILE C 81 -10.99 3.25 0.86
CA ILE C 81 -11.69 4.13 1.77
C ILE C 81 -11.49 3.60 3.18
N TRP C 82 -10.89 4.41 4.03
CA TRP C 82 -10.52 4.03 5.38
C TRP C 82 -11.28 4.87 6.40
N ASP C 83 -11.39 4.31 7.60
CA ASP C 83 -11.86 5.05 8.77
C ASP C 83 -10.64 5.48 9.57
N SER C 84 -10.66 6.71 10.09
CA SER C 84 -9.46 7.29 10.65
C SER C 84 -9.17 6.76 12.05
N TYR C 85 -10.08 7.01 13.01
CA TYR C 85 -9.82 6.60 14.38
C TYR C 85 -9.66 5.09 14.51
N THR C 86 -10.53 4.33 13.86
CA THR C 86 -10.36 2.88 13.79
C THR C 86 -9.82 2.57 12.41
N THR C 87 -8.56 2.17 12.33
CA THR C 87 -7.89 2.04 11.06
C THR C 87 -8.43 0.84 10.30
N ASN C 88 -9.70 0.88 9.94
CA ASN C 88 -10.38 -0.18 9.23
C ASN C 88 -10.62 0.25 7.79
N LYS C 89 -10.62 -0.72 6.90
CA LYS C 89 -10.88 -0.44 5.48
C LYS C 89 -12.36 -0.63 5.26
N VAL C 90 -13.12 0.46 5.38
CA VAL C 90 -14.55 0.41 5.11
C VAL C 90 -14.80 0.06 3.65
N HIS C 91 -13.87 0.39 2.75
CA HIS C 91 -14.04 0.03 1.36
C HIS C 91 -12.69 -0.15 0.70
N ALA C 92 -12.66 -0.99 -0.34
CA ALA C 92 -11.48 -1.15 -1.17
C ALA C 92 -11.94 -1.47 -2.58
N ILE C 93 -11.64 -0.58 -3.52
CA ILE C 93 -12.16 -0.63 -4.88
C ILE C 93 -11.03 -1.00 -5.82
N PRO C 94 -11.12 -2.12 -6.54
CA PRO C 94 -10.14 -2.40 -7.59
C PRO C 94 -10.38 -1.48 -8.79
N LEU C 95 -9.33 -0.78 -9.21
CA LEU C 95 -9.40 0.17 -10.31
C LEU C 95 -9.07 -0.52 -11.62
N ARG C 96 -9.73 -0.08 -12.69
CA ARG C 96 -9.38 -0.59 -14.01
C ARG C 96 -8.00 -0.13 -14.44
N SER C 97 -7.68 1.13 -14.20
CA SER C 97 -6.37 1.68 -14.54
C SER C 97 -5.60 1.92 -13.26
N SER C 98 -4.50 1.18 -13.08
CA SER C 98 -3.72 1.30 -11.86
C SER C 98 -2.99 2.63 -11.78
N TRP C 99 -2.82 3.32 -12.91
CA TRP C 99 -2.11 4.60 -12.96
C TRP C 99 -3.06 5.71 -12.54
N VAL C 100 -3.07 6.00 -11.24
CA VAL C 100 -3.97 6.99 -10.66
C VAL C 100 -3.15 8.09 -10.02
N MET C 101 -3.54 9.33 -10.29
CA MET C 101 -2.95 10.49 -9.62
C MET C 101 -3.96 11.39 -8.90
N THR C 102 -5.25 11.13 -9.02
CA THR C 102 -6.24 11.99 -8.37
C THR C 102 -7.29 11.14 -7.69
N CYS C 103 -7.75 11.60 -6.53
CA CYS C 103 -8.87 10.99 -5.84
C CYS C 103 -9.68 12.08 -5.16
N ALA C 104 -10.99 11.89 -5.12
CA ALA C 104 -11.89 12.89 -4.58
C ALA C 104 -13.03 12.24 -3.82
N TYR C 105 -13.40 12.85 -2.68
CA TYR C 105 -14.52 12.44 -1.86
C TYR C 105 -15.64 13.45 -2.06
N ALA C 106 -16.82 12.98 -2.47
CA ALA C 106 -17.94 13.87 -2.66
C ALA C 106 -18.35 14.47 -1.31
N PRO C 107 -18.81 15.71 -1.30
CA PRO C 107 -19.24 16.32 -0.03
C PRO C 107 -20.37 15.55 0.64
N SER C 108 -21.21 14.89 -0.14
CA SER C 108 -22.28 14.09 0.43
C SER C 108 -21.82 12.70 0.82
N GLY C 109 -20.58 12.33 0.51
CA GLY C 109 -20.05 11.05 0.88
C GLY C 109 -20.59 9.88 0.10
N ASN C 110 -21.51 10.11 -0.82
CA ASN C 110 -22.08 9.02 -1.60
C ASN C 110 -21.17 8.57 -2.73
N TYR C 111 -20.28 9.44 -3.18
CA TYR C 111 -19.52 9.19 -4.39
C TYR C 111 -18.05 9.48 -4.16
N VAL C 112 -17.20 8.81 -4.95
CA VAL C 112 -15.75 9.01 -4.89
C VAL C 112 -15.21 9.01 -6.31
N ALA C 113 -14.29 9.94 -6.59
CA ALA C 113 -13.71 10.09 -7.91
C ALA C 113 -12.28 9.57 -7.96
N CYS C 114 -11.89 9.04 -9.12
CA CYS C 114 -10.52 8.61 -9.35
C CYS C 114 -10.14 8.87 -10.80
N GLY C 115 -8.84 8.88 -11.08
CA GLY C 115 -8.37 9.10 -12.43
C GLY C 115 -6.86 9.19 -12.47
N GLY C 116 -6.33 9.19 -13.69
CA GLY C 116 -4.88 9.25 -13.89
C GLY C 116 -4.47 9.27 -15.34
N LEU C 117 -3.47 8.45 -15.68
CA LEU C 117 -3.05 8.31 -17.08
C LEU C 117 -4.14 7.73 -17.97
N ASP C 118 -5.18 7.14 -17.39
CA ASP C 118 -6.26 6.60 -18.21
C ASP C 118 -7.00 7.67 -18.98
N ASN C 119 -6.81 8.95 -18.63
CA ASN C 119 -7.50 10.10 -19.21
C ASN C 119 -8.99 10.12 -18.90
N ILE C 120 -9.45 9.24 -18.02
CA ILE C 120 -10.87 9.08 -17.70
C ILE C 120 -11.06 9.34 -16.23
N CYS C 121 -12.13 10.04 -15.88
CA CYS C 121 -12.52 10.24 -14.49
C CYS C 121 -13.61 9.24 -14.14
N SER C 122 -13.33 8.37 -13.17
CA SER C 122 -14.27 7.36 -12.74
C SER C 122 -15.00 7.85 -11.49
N ILE C 123 -16.32 7.91 -11.57
CA ILE C 123 -17.20 8.28 -10.47
C ILE C 123 -17.80 7.00 -9.93
N TYR C 124 -17.57 6.76 -8.63
CA TYR C 124 -17.91 5.52 -7.95
C TYR C 124 -19.01 5.79 -6.94
N ASN C 125 -20.11 5.03 -7.03
CA ASN C 125 -21.25 5.16 -6.12
C ASN C 125 -21.04 4.22 -4.94
N LEU C 126 -20.75 4.79 -3.77
CA LEU C 126 -20.49 3.96 -2.60
C LEU C 126 -21.76 3.28 -2.10
N LYS C 127 -22.83 4.04 -1.93
CA LYS C 127 -24.03 3.58 -1.26
C LYS C 127 -25.00 3.01 -2.29
N THR C 128 -25.13 1.69 -2.32
CA THR C 128 -26.01 1.01 -3.25
C THR C 128 -26.64 -0.19 -2.57
N ARG C 129 -27.72 -0.70 -3.18
CA ARG C 129 -28.42 -1.86 -2.64
C ARG C 129 -27.56 -3.11 -2.76
N GLU C 130 -26.79 -3.23 -3.84
CA GLU C 130 -25.99 -4.44 -4.06
C GLU C 130 -24.87 -4.60 -3.04
N GLY C 131 -24.44 -3.52 -2.41
CA GLY C 131 -23.38 -3.58 -1.42
C GLY C 131 -21.98 -3.50 -1.97
N ASN C 132 -21.82 -3.44 -3.29
CA ASN C 132 -20.51 -3.34 -3.91
C ASN C 132 -20.36 -1.99 -4.59
N VAL C 133 -19.21 -1.36 -4.38
CA VAL C 133 -18.91 -0.11 -5.07
C VAL C 133 -18.81 -0.37 -6.57
N ARG C 134 -19.49 0.45 -7.35
CA ARG C 134 -19.54 0.29 -8.79
C ARG C 134 -19.17 1.59 -9.48
N VAL C 135 -18.74 1.47 -10.73
CA VAL C 135 -18.42 2.64 -11.53
C VAL C 135 -19.73 3.34 -11.87
N SER C 136 -20.04 4.42 -11.16
CA SER C 136 -21.27 5.14 -11.45
C SER C 136 -21.21 5.79 -12.82
N ARG C 137 -20.06 6.37 -13.18
CA ARG C 137 -19.92 6.97 -14.50
C ARG C 137 -18.46 7.03 -14.90
N GLU C 138 -18.20 6.95 -16.20
CA GLU C 138 -16.86 7.11 -16.76
C GLU C 138 -16.84 8.35 -17.64
N LEU C 139 -16.20 9.41 -17.16
CA LEU C 139 -16.16 10.69 -17.85
C LEU C 139 -14.90 10.75 -18.71
N ALA C 140 -15.09 10.96 -20.01
CA ALA C 140 -14.00 10.95 -20.97
C ALA C 140 -14.03 12.22 -21.81
N GLY C 141 -12.87 12.59 -22.34
CA GLY C 141 -12.78 13.75 -23.19
C GLY C 141 -11.49 14.54 -23.07
N HIS C 142 -10.82 14.46 -21.93
CA HIS C 142 -9.52 15.11 -21.79
C HIS C 142 -8.48 14.35 -22.61
N THR C 143 -7.69 15.09 -23.39
CA THR C 143 -6.67 14.48 -24.24
C THR C 143 -5.38 14.20 -23.50
N GLY C 144 -5.30 14.54 -22.21
CA GLY C 144 -4.16 14.22 -21.39
C GLY C 144 -4.59 13.60 -20.08
N TYR C 145 -3.59 13.28 -19.26
CA TYR C 145 -3.83 12.69 -17.96
C TYR C 145 -4.58 13.67 -17.06
N LEU C 146 -5.46 13.13 -16.22
CA LEU C 146 -6.20 13.93 -15.25
C LEU C 146 -5.35 14.12 -14.01
N SER C 147 -4.89 15.35 -13.79
CA SER C 147 -4.04 15.64 -12.65
C SER C 147 -4.83 15.71 -11.35
N CYS C 148 -6.00 16.35 -11.37
CA CYS C 148 -6.80 16.47 -10.16
C CYS C 148 -8.25 16.66 -10.54
N CYS C 149 -9.13 16.42 -9.57
CA CYS C 149 -10.57 16.53 -9.79
C CYS C 149 -11.27 16.69 -8.45
N ARG C 150 -12.12 17.71 -8.33
CA ARG C 150 -12.91 17.96 -7.12
C ARG C 150 -14.39 18.02 -7.48
N PHE C 151 -15.23 17.51 -6.57
CA PHE C 151 -16.67 17.52 -6.75
C PHE C 151 -17.23 18.89 -6.39
N LEU C 152 -17.90 19.54 -7.34
CA LEU C 152 -18.73 20.67 -6.97
C LEU C 152 -19.90 20.21 -6.10
N ASP C 153 -20.56 19.14 -6.52
CA ASP C 153 -21.65 18.49 -5.80
C ASP C 153 -21.80 17.10 -6.38
N ASP C 154 -22.92 16.44 -6.07
CA ASP C 154 -23.12 15.07 -6.54
C ASP C 154 -23.33 14.99 -8.05
N ASN C 155 -23.52 16.11 -8.74
CA ASN C 155 -23.75 16.09 -10.18
C ASN C 155 -22.66 16.82 -10.97
N GLN C 156 -22.04 17.85 -10.41
CA GLN C 156 -21.05 18.66 -11.12
C GLN C 156 -19.66 18.38 -10.57
N ILE C 157 -18.70 18.17 -11.46
CA ILE C 157 -17.33 17.87 -11.05
C ILE C 157 -16.35 18.64 -11.94
N VAL C 158 -15.26 19.10 -11.35
CA VAL C 158 -14.20 19.80 -12.09
C VAL C 158 -13.02 18.86 -12.22
N THR C 159 -12.46 18.79 -13.43
CA THR C 159 -11.29 17.97 -13.71
C THR C 159 -10.23 18.82 -14.40
N SER C 160 -9.03 18.86 -13.82
CA SER C 160 -7.88 19.49 -14.46
C SER C 160 -7.03 18.42 -15.11
N SER C 161 -6.49 18.70 -16.30
CA SER C 161 -5.75 17.68 -17.01
C SER C 161 -4.45 18.24 -17.56
N GLY C 162 -3.60 17.34 -18.03
CA GLY C 162 -2.35 17.66 -18.68
C GLY C 162 -2.49 18.08 -20.13
N ASP C 163 -3.71 18.08 -20.66
CA ASP C 163 -3.96 18.60 -21.99
C ASP C 163 -4.09 20.11 -22.00
N THR C 164 -3.63 20.78 -20.94
CA THR C 164 -3.67 22.23 -20.76
C THR C 164 -5.07 22.77 -20.56
N THR C 165 -6.01 21.94 -20.11
CA THR C 165 -7.39 22.37 -19.93
C THR C 165 -7.95 21.89 -18.60
N CYS C 166 -8.89 22.67 -18.07
CA CYS C 166 -9.78 22.24 -17.01
C CYS C 166 -11.17 22.06 -17.60
N ALA C 167 -12.04 21.35 -16.88
CA ALA C 167 -13.36 21.08 -17.39
C ALA C 167 -14.36 20.95 -16.25
N LEU C 168 -15.61 21.32 -16.54
CA LEU C 168 -16.72 21.16 -15.63
C LEU C 168 -17.72 20.22 -16.28
N TRP C 169 -17.89 19.03 -15.67
CA TRP C 169 -18.70 17.95 -16.19
C TRP C 169 -19.98 17.82 -15.39
N ASP C 170 -21.06 17.48 -16.09
CA ASP C 170 -22.30 17.02 -15.49
C ASP C 170 -22.28 15.50 -15.47
N ILE C 171 -22.39 14.92 -14.27
CA ILE C 171 -22.15 13.48 -14.11
C ILE C 171 -23.27 12.68 -14.78
N GLU C 172 -24.52 13.05 -14.54
CA GLU C 172 -25.63 12.23 -15.01
C GLU C 172 -25.68 12.16 -16.53
N THR C 173 -25.49 13.29 -17.20
CA THR C 173 -25.46 13.25 -18.67
C THR C 173 -24.14 12.69 -19.19
N GLY C 174 -23.05 12.87 -18.46
CA GLY C 174 -21.76 12.36 -18.88
C GLY C 174 -20.99 13.26 -19.82
N GLN C 175 -21.44 14.48 -20.06
CA GLN C 175 -20.76 15.43 -20.91
C GLN C 175 -20.07 16.49 -20.05
N GLN C 176 -19.23 17.30 -20.69
CA GLN C 176 -18.55 18.39 -20.01
C GLN C 176 -19.26 19.68 -20.36
N THR C 177 -20.00 20.23 -19.40
CA THR C 177 -20.78 21.43 -19.66
C THR C 177 -19.90 22.61 -19.99
N THR C 178 -18.81 22.80 -19.24
CA THR C 178 -17.94 23.95 -19.42
C THR C 178 -16.51 23.48 -19.60
N THR C 179 -15.72 24.26 -20.33
CA THR C 179 -14.31 23.95 -20.53
C THR C 179 -13.48 25.20 -20.32
N PHE C 180 -12.53 25.13 -19.40
CA PHE C 180 -11.65 26.23 -19.06
C PHE C 180 -10.35 26.04 -19.82
N THR C 181 -10.06 26.97 -20.73
CA THR C 181 -8.90 26.88 -21.62
C THR C 181 -8.17 28.22 -21.64
N GLY C 182 -6.87 28.15 -21.90
CA GLY C 182 -6.06 29.34 -21.99
C GLY C 182 -4.81 29.24 -21.14
N HIS C 183 -4.60 28.08 -20.53
CA HIS C 183 -3.50 27.86 -19.61
C HIS C 183 -2.44 27.07 -20.36
N THR C 184 -1.28 27.69 -20.57
CA THR C 184 -0.32 27.16 -21.54
C THR C 184 0.20 25.78 -21.15
N GLY C 185 0.56 25.61 -19.88
CA GLY C 185 1.16 24.38 -19.43
C GLY C 185 0.12 23.32 -19.09
N ASP C 186 0.62 22.21 -18.58
CA ASP C 186 -0.25 21.12 -18.12
C ASP C 186 -0.73 21.44 -16.72
N VAL C 187 -2.05 21.52 -16.55
CA VAL C 187 -2.62 21.89 -15.25
C VAL C 187 -2.39 20.73 -14.29
N MET C 188 -1.83 21.03 -13.12
CA MET C 188 -1.44 19.99 -12.19
C MET C 188 -2.32 19.91 -10.95
N SER C 189 -3.08 20.96 -10.65
CA SER C 189 -3.92 20.95 -9.45
C SER C 189 -4.99 22.02 -9.58
N LEU C 190 -6.11 21.78 -8.89
CA LEU C 190 -7.20 22.75 -8.81
C LEU C 190 -7.77 22.72 -7.40
N SER C 191 -8.38 23.83 -7.01
CA SER C 191 -8.95 23.96 -5.67
C SER C 191 -10.23 24.77 -5.76
N LEU C 192 -11.35 24.17 -5.37
CA LEU C 192 -12.61 24.89 -5.27
C LEU C 192 -12.63 25.78 -4.04
N ALA C 193 -13.26 26.93 -4.18
CA ALA C 193 -13.46 27.81 -3.04
C ALA C 193 -14.61 27.31 -2.18
N PRO C 194 -14.69 27.76 -0.92
CA PRO C 194 -15.91 27.50 -0.14
C PRO C 194 -17.17 28.03 -0.82
N ASP C 195 -17.06 29.12 -1.57
CA ASP C 195 -18.18 29.61 -2.35
C ASP C 195 -18.60 28.61 -3.42
N THR C 196 -17.68 27.75 -3.84
CA THR C 196 -17.91 26.67 -4.81
C THR C 196 -18.41 27.18 -6.16
N ARG C 197 -18.04 28.40 -6.54
CA ARG C 197 -18.24 28.89 -7.90
C ARG C 197 -16.99 29.42 -8.56
N LEU C 198 -15.98 29.83 -7.78
CA LEU C 198 -14.70 30.28 -8.29
C LEU C 198 -13.62 29.34 -7.81
N PHE C 199 -12.67 29.01 -8.69
CA PHE C 199 -11.63 28.05 -8.32
C PHE C 199 -10.33 28.39 -9.04
N VAL C 200 -9.22 28.19 -8.35
CA VAL C 200 -7.89 28.49 -8.87
C VAL C 200 -7.21 27.20 -9.32
N SER C 201 -6.60 27.25 -10.50
CA SER C 201 -5.91 26.09 -11.07
C SER C 201 -4.53 26.52 -11.55
N GLY C 202 -3.50 25.81 -11.12
CA GLY C 202 -2.14 26.10 -11.52
C GLY C 202 -1.61 25.07 -12.51
N ALA C 203 -0.76 25.54 -13.42
CA ALA C 203 -0.29 24.64 -14.48
C ALA C 203 1.22 24.55 -14.57
N CYS C 204 1.71 23.79 -15.55
CA CYS C 204 3.14 23.61 -15.75
C CYS C 204 3.81 24.84 -16.33
N ASP C 205 3.04 25.78 -16.87
CA ASP C 205 3.59 27.00 -17.43
C ASP C 205 3.92 28.03 -16.37
N ALA C 206 4.04 27.61 -15.11
CA ALA C 206 4.46 28.47 -14.01
C ALA C 206 3.48 29.63 -13.79
N SER C 207 2.19 29.30 -13.76
CA SER C 207 1.18 30.31 -13.51
C SER C 207 -0.10 29.64 -13.05
N ALA C 208 -0.94 30.43 -12.39
CA ALA C 208 -2.25 30.00 -11.93
C ALA C 208 -3.32 30.90 -12.53
N LYS C 209 -4.52 30.36 -12.68
CA LYS C 209 -5.65 31.11 -13.20
C LYS C 209 -6.87 30.85 -12.33
N LEU C 210 -7.58 31.93 -11.98
CA LEU C 210 -8.82 31.82 -11.21
C LEU C 210 -9.97 31.82 -12.21
N TRP C 211 -10.60 30.67 -12.38
CA TRP C 211 -11.74 30.53 -13.26
C TRP C 211 -13.03 30.62 -12.45
N ASP C 212 -14.11 30.98 -13.14
CA ASP C 212 -15.45 30.96 -12.56
C ASP C 212 -16.24 29.81 -13.18
N VAL C 213 -16.99 29.10 -12.35
CA VAL C 213 -17.73 27.94 -12.84
C VAL C 213 -18.87 28.37 -13.73
N ARG C 214 -19.62 29.40 -13.33
CA ARG C 214 -20.84 29.75 -14.04
C ARG C 214 -20.53 30.39 -15.39
N GLU C 215 -19.89 31.56 -15.38
CA GLU C 215 -19.62 32.25 -16.64
C GLU C 215 -18.64 31.46 -17.49
N GLY C 216 -17.63 30.86 -16.88
CA GLY C 216 -16.70 30.01 -17.60
C GLY C 216 -15.48 30.70 -18.16
N MET C 217 -15.06 31.82 -17.58
CA MET C 217 -13.88 32.54 -18.06
C MET C 217 -12.97 32.89 -16.90
N CYS C 218 -11.67 32.89 -17.16
CA CYS C 218 -10.69 33.28 -16.15
C CYS C 218 -10.75 34.78 -15.91
N ARG C 219 -10.73 35.16 -14.64
CA ARG C 219 -10.75 36.57 -14.27
C ARG C 219 -9.37 37.11 -13.91
N GLN C 220 -8.59 36.36 -13.16
CA GLN C 220 -7.29 36.81 -12.69
C GLN C 220 -6.25 35.73 -12.97
N THR C 221 -5.15 36.14 -13.59
CA THR C 221 -4.03 35.26 -13.88
C THR C 221 -2.82 35.68 -13.04
N PHE C 222 -2.26 34.74 -12.29
CA PHE C 222 -1.22 35.01 -11.32
C PHE C 222 0.08 34.36 -11.77
N THR C 223 1.16 35.14 -11.75
CA THR C 223 2.49 34.66 -12.05
C THR C 223 3.37 34.87 -10.82
N GLY C 224 4.65 34.54 -10.96
CA GLY C 224 5.59 34.77 -9.89
C GLY C 224 6.56 33.62 -9.67
N HIS C 225 6.13 32.42 -10.00
CA HIS C 225 6.96 31.24 -9.78
C HIS C 225 8.00 31.09 -10.89
N GLU C 226 9.09 30.41 -10.57
CA GLU C 226 10.16 30.17 -11.53
C GLU C 226 10.03 28.83 -12.25
N SER C 227 9.09 27.98 -11.85
CA SER C 227 8.97 26.65 -12.43
C SER C 227 7.55 26.15 -12.26
N ASP C 228 7.35 24.86 -12.46
CA ASP C 228 6.01 24.29 -12.52
C ASP C 228 5.29 24.42 -11.18
N ILE C 229 3.96 24.41 -11.26
CA ILE C 229 3.08 24.47 -10.10
C ILE C 229 2.45 23.10 -9.92
N ASN C 230 2.69 22.48 -8.76
CA ASN C 230 2.22 21.12 -8.51
C ASN C 230 0.98 21.05 -7.63
N ALA C 231 0.77 22.04 -6.76
CA ALA C 231 -0.34 22.01 -5.84
C ALA C 231 -0.87 23.41 -5.59
N ILE C 232 -2.17 23.51 -5.39
CA ILE C 232 -2.84 24.78 -5.13
C ILE C 232 -3.97 24.53 -4.14
N CYS C 233 -4.22 25.52 -3.30
CA CYS C 233 -5.22 25.41 -2.25
C CYS C 233 -5.75 26.79 -1.93
N PHE C 234 -6.95 26.83 -1.37
CA PHE C 234 -7.63 28.07 -1.07
C PHE C 234 -7.51 28.39 0.41
N PHE C 235 -7.37 29.68 0.71
CA PHE C 235 -7.45 30.12 2.09
C PHE C 235 -8.86 29.84 2.61
N PRO C 236 -9.01 29.48 3.88
CA PRO C 236 -10.34 29.07 4.38
C PRO C 236 -11.42 30.10 4.15
N ASN C 237 -11.06 31.38 4.15
CA ASN C 237 -12.06 32.43 3.90
C ASN C 237 -12.54 32.38 2.46
N GLY C 238 -11.63 32.58 1.51
CA GLY C 238 -11.99 32.46 0.11
C GLY C 238 -11.33 33.42 -0.84
N ASN C 239 -10.82 34.54 -0.35
CA ASN C 239 -10.22 35.55 -1.22
C ASN C 239 -8.70 35.44 -1.33
N ALA C 240 -8.10 34.39 -0.78
CA ALA C 240 -6.66 34.17 -0.90
C ALA C 240 -6.40 32.72 -1.27
N PHE C 241 -5.26 32.47 -1.90
CA PHE C 241 -4.94 31.10 -2.29
C PHE C 241 -3.43 30.90 -2.31
N ALA C 242 -3.03 29.68 -1.94
CA ALA C 242 -1.63 29.31 -1.84
C ALA C 242 -1.29 28.30 -2.92
N THR C 243 -0.08 28.41 -3.46
CA THR C 243 0.37 27.59 -4.57
C THR C 243 1.71 26.96 -4.23
N GLY C 244 1.79 25.63 -4.33
CA GLY C 244 3.04 24.92 -4.15
C GLY C 244 3.66 24.63 -5.50
N SER C 245 4.95 24.95 -5.62
CA SER C 245 5.63 24.90 -6.90
C SER C 245 6.88 24.03 -6.82
N ASP C 246 7.44 23.75 -7.99
CA ASP C 246 8.63 22.92 -8.10
C ASP C 246 9.91 23.65 -7.69
N ASP C 247 9.83 24.95 -7.40
CA ASP C 247 11.01 25.74 -7.07
C ASP C 247 11.23 25.89 -5.56
N ALA C 248 10.69 24.97 -4.76
CA ALA C 248 10.88 24.97 -3.31
C ALA C 248 10.34 26.23 -2.65
N THR C 249 9.34 26.85 -3.25
CA THR C 249 8.70 28.03 -2.68
C THR C 249 7.18 27.88 -2.74
N CYS C 250 6.51 28.29 -1.67
CA CYS C 250 5.05 28.33 -1.62
C CYS C 250 4.61 29.79 -1.73
N ARG C 251 3.80 30.09 -2.73
CA ARG C 251 3.43 31.46 -3.03
C ARG C 251 1.97 31.70 -2.65
N LEU C 252 1.75 32.66 -1.75
CA LEU C 252 0.42 33.00 -1.28
C LEU C 252 -0.01 34.30 -1.94
N PHE C 253 -1.18 34.28 -2.57
CA PHE C 253 -1.73 35.42 -3.29
C PHE C 253 -3.08 35.80 -2.70
N ASP C 254 -3.48 37.04 -2.92
CA ASP C 254 -4.83 37.49 -2.64
C ASP C 254 -5.58 37.64 -3.96
N LEU C 255 -6.87 37.31 -3.91
CA LEU C 255 -7.68 37.41 -5.13
C LEU C 255 -7.99 38.85 -5.48
N ARG C 256 -8.23 39.69 -4.48
CA ARG C 256 -8.57 41.08 -4.75
C ARG C 256 -7.35 41.88 -5.20
N ALA C 257 -6.22 41.72 -4.52
CA ALA C 257 -5.03 42.50 -4.88
C ALA C 257 -4.40 42.05 -6.18
N ASP C 258 -4.66 40.81 -6.60
CA ASP C 258 -4.18 40.27 -7.86
C ASP C 258 -2.66 40.12 -7.91
N GLN C 259 -1.98 40.21 -6.77
CA GLN C 259 -0.52 40.17 -6.72
C GLN C 259 -0.06 39.08 -5.77
N GLU C 260 1.24 38.82 -5.78
CA GLU C 260 1.82 37.82 -4.89
C GLU C 260 2.01 38.43 -3.50
N LEU C 261 1.22 37.94 -2.54
CA LEU C 261 1.28 38.52 -1.20
C LEU C 261 2.49 38.04 -0.43
N MET C 262 2.95 36.82 -0.69
CA MET C 262 4.13 36.33 0.03
C MET C 262 4.71 35.11 -0.68
N THR C 263 6.01 34.89 -0.46
CA THR C 263 6.68 33.66 -0.86
C THR C 263 7.25 32.99 0.39
N TYR C 264 7.30 31.66 0.36
CA TYR C 264 7.83 30.84 1.44
C TYR C 264 8.97 29.99 0.91
N SER C 265 10.16 30.17 1.49
CA SER C 265 11.34 29.41 1.09
C SER C 265 12.40 29.52 2.18
N HIS C 266 13.29 28.55 2.20
CA HIS C 266 14.45 28.54 3.08
C HIS C 266 15.57 27.79 2.36
N ASP C 267 16.80 28.22 2.60
CA ASP C 267 17.93 27.76 1.79
C ASP C 267 18.09 26.25 1.84
N ASN C 268 17.61 25.60 2.91
CA ASN C 268 17.80 24.16 3.02
C ASN C 268 17.00 23.39 1.98
N ILE C 269 15.74 23.76 1.78
CA ILE C 269 14.87 23.00 0.87
C ILE C 269 15.20 23.38 -0.57
N ILE C 270 15.49 22.36 -1.38
CA ILE C 270 15.75 22.56 -2.79
C ILE C 270 14.77 21.80 -3.68
N CYS C 271 14.12 20.75 -3.17
CA CYS C 271 13.22 19.95 -3.98
C CYS C 271 11.90 20.66 -4.21
N GLY C 272 11.06 20.06 -5.04
CA GLY C 272 9.75 20.61 -5.32
C GLY C 272 8.76 20.34 -4.21
N ILE C 273 7.58 20.93 -4.37
CA ILE C 273 6.50 20.82 -3.39
C ILE C 273 5.39 20.01 -4.02
N THR C 274 5.18 18.80 -3.52
CA THR C 274 4.21 17.90 -4.15
C THR C 274 2.78 18.29 -3.78
N SER C 275 2.54 18.70 -2.54
CA SER C 275 1.19 19.04 -2.12
C SER C 275 1.22 20.26 -1.22
N VAL C 276 0.08 20.95 -1.14
CA VAL C 276 -0.08 22.11 -0.28
C VAL C 276 -1.46 22.04 0.36
N SER C 277 -1.58 22.65 1.54
CA SER C 277 -2.84 22.64 2.27
C SER C 277 -2.86 23.81 3.25
N PHE C 278 -4.00 23.99 3.91
CA PHE C 278 -4.20 25.04 4.88
C PHE C 278 -4.91 24.48 6.10
N SER C 279 -4.77 25.18 7.22
CA SER C 279 -5.50 24.83 8.43
C SER C 279 -6.90 25.44 8.38
N LYS C 280 -7.64 25.32 9.48
CA LYS C 280 -8.98 25.87 9.53
C LYS C 280 -8.95 27.39 9.69
N SER C 281 -8.06 27.91 10.54
CA SER C 281 -7.97 29.34 10.75
C SER C 281 -7.14 30.03 9.67
N GLY C 282 -6.42 29.29 8.87
CA GLY C 282 -5.54 29.88 7.89
C GLY C 282 -4.19 30.32 8.41
N ARG C 283 -3.89 30.07 9.69
CA ARG C 283 -2.62 30.49 10.24
C ARG C 283 -1.48 29.59 9.77
N LEU C 284 -1.77 28.33 9.49
CA LEU C 284 -0.76 27.33 9.19
C LEU C 284 -0.89 26.84 7.76
N LEU C 285 0.24 26.71 7.08
CA LEU C 285 0.31 26.20 5.72
C LEU C 285 1.16 24.95 5.72
N LEU C 286 0.58 23.82 5.36
CA LEU C 286 1.27 22.55 5.36
C LEU C 286 1.62 22.16 3.93
N ALA C 287 2.89 21.89 3.69
CA ALA C 287 3.36 21.54 2.35
C ALA C 287 4.21 20.29 2.44
N GLY C 288 3.88 19.30 1.62
CA GLY C 288 4.71 18.10 1.50
C GLY C 288 5.72 18.28 0.39
N TYR C 289 6.95 17.86 0.67
CA TYR C 289 8.05 18.05 -0.27
C TYR C 289 8.57 16.69 -0.73
N ASP C 290 9.56 16.73 -1.62
CA ASP C 290 10.21 15.50 -2.07
C ASP C 290 11.32 15.06 -1.13
N ASP C 291 11.73 15.87 -0.17
CA ASP C 291 12.78 15.46 0.77
C ASP C 291 12.22 14.69 1.95
N PHE C 292 11.04 14.10 1.78
CA PHE C 292 10.42 13.08 2.64
C PHE C 292 9.79 13.63 3.90
N ASN C 293 9.69 14.95 4.07
CA ASN C 293 9.14 15.51 5.29
C ASN C 293 8.20 16.67 4.97
N CYS C 294 7.06 16.69 5.63
CA CYS C 294 6.12 17.81 5.52
C CYS C 294 6.64 18.98 6.33
N ASN C 295 6.37 20.20 5.86
CA ASN C 295 6.76 21.41 6.55
C ASN C 295 5.52 22.25 6.85
N VAL C 296 5.46 22.77 8.06
CA VAL C 296 4.36 23.63 8.50
C VAL C 296 4.92 25.03 8.63
N TRP C 297 4.40 25.94 7.81
CA TRP C 297 4.77 27.34 7.79
C TRP C 297 3.69 28.17 8.47
N ASP C 298 4.11 29.30 9.05
CA ASP C 298 3.16 30.30 9.49
C ASP C 298 2.76 31.17 8.31
N ALA C 299 1.46 31.40 8.16
CA ALA C 299 1.00 32.14 6.99
C ALA C 299 1.29 33.62 7.10
N LEU C 300 1.06 34.22 8.27
CA LEU C 300 1.28 35.66 8.41
C LEU C 300 2.76 36.00 8.51
N LYS C 301 3.57 35.10 9.06
CA LYS C 301 5.02 35.26 9.09
C LYS C 301 5.66 34.09 8.37
N ALA C 302 6.52 34.39 7.40
CA ALA C 302 7.06 33.37 6.50
C ALA C 302 7.92 32.35 7.25
N ASP C 303 8.01 32.47 8.58
CA ASP C 303 8.77 31.52 9.36
C ASP C 303 8.13 30.13 9.29
N ARG C 304 8.97 29.10 9.22
CA ARG C 304 8.49 27.73 9.27
C ARG C 304 8.11 27.38 10.70
N ALA C 305 6.87 26.92 10.88
CA ALA C 305 6.38 26.64 12.23
C ALA C 305 6.91 25.31 12.76
N GLY C 306 7.18 24.36 11.87
CA GLY C 306 7.66 23.07 12.31
C GLY C 306 7.83 22.12 11.14
N VAL C 307 8.22 20.89 11.48
CA VAL C 307 8.43 19.84 10.50
C VAL C 307 7.70 18.60 10.97
N LEU C 308 6.84 18.05 10.12
CA LEU C 308 6.28 16.73 10.33
C LEU C 308 7.15 15.74 9.57
N ALA C 309 8.02 15.04 10.28
CA ALA C 309 8.88 14.02 9.71
C ALA C 309 8.42 12.65 10.17
N GLY C 310 8.73 11.64 9.38
CA GLY C 310 8.30 10.29 9.71
C GLY C 310 7.96 9.44 8.52
N HIS C 311 7.93 10.03 7.33
CA HIS C 311 7.75 9.28 6.10
C HIS C 311 9.11 9.03 5.47
N ASP C 312 9.36 7.78 5.10
CA ASP C 312 10.67 7.37 4.60
C ASP C 312 10.84 7.64 3.11
N ASN C 313 9.82 8.18 2.44
CA ASN C 313 9.95 8.48 1.03
C ASN C 313 9.20 9.79 0.75
N ARG C 314 9.07 10.12 -0.52
CA ARG C 314 8.48 11.38 -0.94
C ARG C 314 7.05 11.51 -0.44
N VAL C 315 6.75 12.63 0.21
CA VAL C 315 5.39 12.94 0.63
C VAL C 315 4.63 13.46 -0.58
N SER C 316 3.55 12.77 -0.94
CA SER C 316 2.87 13.02 -2.20
C SER C 316 1.52 13.71 -2.05
N CYS C 317 0.94 13.73 -0.86
CA CYS C 317 -0.35 14.38 -0.71
C CYS C 317 -0.56 14.79 0.73
N LEU C 318 -1.34 15.85 0.91
CA LEU C 318 -1.68 16.38 2.23
C LEU C 318 -3.17 16.65 2.28
N GLY C 319 -3.70 16.67 3.50
CA GLY C 319 -5.09 17.03 3.71
C GLY C 319 -5.29 17.44 5.14
N VAL C 320 -6.29 18.27 5.38
CA VAL C 320 -6.67 18.70 6.71
C VAL C 320 -8.14 18.41 6.90
N THR C 321 -8.49 17.82 8.04
CA THR C 321 -9.87 17.48 8.32
C THR C 321 -10.74 18.73 8.34
N ASP C 322 -12.00 18.56 7.93
CA ASP C 322 -12.91 19.70 7.86
C ASP C 322 -13.10 20.34 9.22
N ASP C 323 -13.20 19.52 10.27
CA ASP C 323 -13.22 20.09 11.62
C ASP C 323 -11.87 20.63 12.03
N GLY C 324 -10.83 20.38 11.25
CA GLY C 324 -9.51 20.91 11.52
C GLY C 324 -8.72 20.16 12.55
N MET C 325 -9.21 19.02 13.02
CA MET C 325 -8.57 18.34 14.12
C MET C 325 -7.31 17.61 13.68
N ALA C 326 -7.32 16.98 12.52
CA ALA C 326 -6.25 16.08 12.10
C ALA C 326 -5.66 16.53 10.78
N VAL C 327 -4.37 16.22 10.59
CA VAL C 327 -3.66 16.50 9.35
C VAL C 327 -3.14 15.18 8.80
N ALA C 328 -3.58 14.81 7.61
CA ALA C 328 -3.21 13.53 7.02
C ALA C 328 -2.17 13.74 5.93
N THR C 329 -1.08 12.99 6.01
CA THR C 329 -0.01 13.05 5.02
C THR C 329 0.13 11.66 4.40
N GLY C 330 0.02 11.59 3.08
CA GLY C 330 0.22 10.35 2.36
C GLY C 330 1.43 10.41 1.47
N SER C 331 2.41 9.57 1.73
CA SER C 331 3.69 9.61 1.04
C SER C 331 3.86 8.37 0.17
N TRP C 332 4.90 8.39 -0.65
CA TRP C 332 5.17 7.29 -1.58
C TRP C 332 5.56 6.00 -0.88
N ASP C 333 5.83 6.05 0.42
CA ASP C 333 6.23 4.86 1.16
C ASP C 333 5.07 3.91 1.45
N SER C 334 3.90 4.13 0.83
CA SER C 334 2.72 3.30 0.97
C SER C 334 2.13 3.33 2.37
N PHE C 335 2.36 4.40 3.11
CA PHE C 335 1.73 4.60 4.42
C PHE C 335 1.14 6.01 4.47
N LEU C 336 -0.12 6.10 4.90
CA LEU C 336 -0.73 7.37 5.24
C LEU C 336 -0.66 7.54 6.75
N LYS C 337 -0.23 8.71 7.20
CA LYS C 337 -0.14 9.00 8.62
C LYS C 337 -1.07 10.15 8.97
N ILE C 338 -1.79 9.99 10.07
CA ILE C 338 -2.63 11.05 10.62
C ILE C 338 -1.87 11.70 11.76
N TRP C 339 -1.92 13.02 11.83
CA TRP C 339 -1.09 13.81 12.71
C TRP C 339 -1.95 14.75 13.54
N ASN C 340 -1.57 14.90 14.80
CA ASN C 340 -2.25 15.74 15.77
C ASN C 340 -1.32 16.20 16.89
N ALA D 7 -5.76 31.71 -37.80
CA ALA D 7 -5.44 30.72 -36.78
C ALA D 7 -4.48 31.31 -35.74
N SER D 8 -3.18 31.33 -36.07
CA SER D 8 -2.20 31.89 -35.17
C SER D 8 -2.47 33.38 -34.91
N ILE D 9 -2.76 34.12 -35.97
CA ILE D 9 -3.12 35.53 -35.80
C ILE D 9 -4.41 35.65 -35.00
N ALA D 10 -5.39 34.79 -35.31
CA ALA D 10 -6.62 34.78 -34.54
C ALA D 10 -6.35 34.39 -33.08
N GLN D 11 -5.41 33.47 -32.87
CA GLN D 11 -5.04 33.10 -31.51
C GLN D 11 -4.47 34.30 -30.76
N ALA D 12 -3.59 35.06 -31.41
CA ALA D 12 -3.05 36.26 -30.79
C ALA D 12 -4.14 37.28 -30.49
N ARG D 13 -5.09 37.44 -31.43
CA ARG D 13 -6.19 38.35 -31.21
C ARG D 13 -7.01 37.95 -29.98
N LYS D 14 -7.39 36.67 -29.89
CA LYS D 14 -8.17 36.21 -28.74
C LYS D 14 -7.39 36.39 -27.45
N LEU D 15 -6.08 36.11 -27.49
CA LEU D 15 -5.27 36.35 -26.30
C LEU D 15 -5.30 37.81 -25.90
N VAL D 16 -5.24 38.71 -26.89
CA VAL D 16 -5.23 40.14 -26.60
C VAL D 16 -6.54 40.57 -25.96
N GLU D 17 -7.67 40.12 -26.50
CA GLU D 17 -8.94 40.40 -25.83
C GLU D 17 -9.00 39.77 -24.45
N GLN D 18 -8.32 38.65 -24.25
CA GLN D 18 -8.29 38.04 -22.92
C GLN D 18 -7.59 38.95 -21.93
N LEU D 19 -6.40 39.46 -22.28
CA LEU D 19 -5.74 40.38 -21.36
C LEU D 19 -6.52 41.67 -21.22
N LYS D 20 -7.22 42.10 -22.27
CA LYS D 20 -8.05 43.30 -22.17
C LYS D 20 -9.14 43.10 -21.14
N MET D 21 -9.81 41.95 -21.17
CA MET D 21 -10.84 41.66 -20.17
C MET D 21 -10.22 41.57 -18.78
N GLU D 22 -9.08 40.90 -18.65
CA GLU D 22 -8.45 40.73 -17.35
C GLU D 22 -7.85 42.02 -16.81
N ALA D 23 -7.71 43.05 -17.64
CA ALA D 23 -7.08 44.29 -17.19
C ALA D 23 -8.05 45.23 -16.50
N ASN D 24 -9.35 44.96 -16.55
CA ASN D 24 -10.35 45.88 -16.04
C ASN D 24 -10.79 45.57 -14.62
N ILE D 25 -10.21 44.56 -13.97
CA ILE D 25 -10.67 44.17 -12.65
C ILE D 25 -10.23 45.20 -11.62
N ASP D 26 -11.17 45.62 -10.78
CA ASP D 26 -10.83 46.54 -9.69
C ASP D 26 -9.95 45.84 -8.67
N ARG D 27 -8.92 46.54 -8.21
CA ARG D 27 -7.98 46.00 -7.25
C ARG D 27 -7.90 46.94 -6.06
N ILE D 28 -7.91 46.37 -4.86
CA ILE D 28 -7.92 47.15 -3.64
C ILE D 28 -6.51 47.15 -3.05
N LYS D 29 -6.28 48.09 -2.13
CA LYS D 29 -4.96 48.29 -1.54
C LYS D 29 -4.50 47.01 -0.85
N VAL D 30 -3.20 46.72 -0.95
CA VAL D 30 -2.67 45.50 -0.36
C VAL D 30 -2.82 45.49 1.15
N SER D 31 -2.89 46.66 1.77
CA SER D 31 -3.17 46.73 3.20
C SER D 31 -4.53 46.14 3.52
N LYS D 32 -5.53 46.44 2.68
CA LYS D 32 -6.85 45.86 2.88
C LYS D 32 -6.80 44.34 2.75
N ALA D 33 -6.01 43.83 1.80
CA ALA D 33 -5.88 42.38 1.63
C ALA D 33 -5.30 41.74 2.86
N ALA D 34 -4.19 42.30 3.37
CA ALA D 34 -3.58 41.75 4.57
C ALA D 34 -4.51 41.88 5.77
N ALA D 35 -5.28 42.97 5.81
CA ALA D 35 -6.23 43.15 6.89
C ALA D 35 -7.30 42.06 6.85
N ASP D 36 -7.80 41.74 5.66
CA ASP D 36 -8.80 40.68 5.55
C ASP D 36 -8.21 39.32 5.95
N LEU D 37 -6.99 39.04 5.50
CA LEU D 37 -6.35 37.78 5.86
C LEU D 37 -6.18 37.66 7.37
N MET D 38 -5.65 38.71 8.00
CA MET D 38 -5.48 38.68 9.46
C MET D 38 -6.80 38.67 10.19
N ALA D 39 -7.84 39.30 9.62
CA ALA D 39 -9.14 39.31 10.28
C ALA D 39 -9.74 37.91 10.30
N TYR D 40 -9.67 37.20 9.17
CA TYR D 40 -10.14 35.82 9.20
C TYR D 40 -9.25 34.95 10.07
N CYS D 41 -7.96 35.28 10.16
CA CYS D 41 -7.07 34.51 11.02
C CYS D 41 -7.45 34.67 12.49
N GLU D 42 -7.79 35.90 12.89
CA GLU D 42 -8.15 36.18 14.27
C GLU D 42 -9.57 35.72 14.61
N ALA D 43 -10.47 35.72 13.63
CA ALA D 43 -11.85 35.34 13.90
C ALA D 43 -11.95 33.89 14.36
N HIS D 44 -11.16 33.00 13.76
CA HIS D 44 -11.24 31.57 14.04
C HIS D 44 -9.95 31.02 14.62
N ALA D 45 -9.15 31.87 15.28
CA ALA D 45 -7.89 31.39 15.85
C ALA D 45 -8.12 30.37 16.94
N LYS D 46 -9.14 30.57 17.77
CA LYS D 46 -9.42 29.62 18.84
C LYS D 46 -9.98 28.31 18.32
N GLU D 47 -10.71 28.36 17.20
CA GLU D 47 -11.40 27.16 16.71
C GLU D 47 -10.46 26.17 16.07
N ASP D 48 -9.33 26.63 15.53
CA ASP D 48 -8.43 25.73 14.79
C ASP D 48 -7.68 24.81 15.75
N PRO D 49 -7.79 23.50 15.59
CA PRO D 49 -7.12 22.58 16.53
C PRO D 49 -5.61 22.50 16.37
N LEU D 50 -5.08 22.74 15.17
CA LEU D 50 -3.63 22.69 15.00
C LEU D 50 -2.94 23.89 15.64
N LEU D 51 -3.46 25.10 15.39
CA LEU D 51 -2.83 26.30 15.92
C LEU D 51 -2.85 26.31 17.44
N THR D 52 -4.00 25.97 18.03
CA THR D 52 -4.14 25.89 19.47
C THR D 52 -4.29 24.44 19.88
N PRO D 53 -3.34 23.87 20.62
CA PRO D 53 -3.45 22.46 21.01
C PRO D 53 -4.70 22.20 21.84
N VAL D 54 -5.33 21.06 21.58
CA VAL D 54 -6.55 20.65 22.25
C VAL D 54 -6.20 19.70 23.39
N PRO D 55 -7.02 19.58 24.44
CA PRO D 55 -6.78 18.56 25.45
C PRO D 55 -7.19 17.18 24.95
N ALA D 56 -6.57 16.16 25.55
CA ALA D 56 -6.72 14.80 25.05
C ALA D 56 -8.15 14.31 25.18
N SER D 57 -8.92 14.88 26.11
CA SER D 57 -10.28 14.39 26.35
C SER D 57 -11.16 14.54 25.12
N GLU D 58 -11.14 15.71 24.48
CA GLU D 58 -12.01 15.93 23.33
C GLU D 58 -11.36 15.54 22.01
N ASN D 59 -10.07 15.23 22.01
CA ASN D 59 -9.41 14.80 20.77
C ASN D 59 -9.70 13.33 20.51
N PRO D 60 -10.25 12.97 19.37
CA PRO D 60 -10.62 11.57 19.14
C PRO D 60 -9.46 10.72 18.67
N PHE D 61 -8.50 11.33 17.96
CA PHE D 61 -7.35 10.60 17.43
C PHE D 61 -6.36 10.38 18.56
N ARG D 62 -6.69 9.43 19.44
CA ARG D 62 -5.83 9.11 20.57
C ARG D 62 -5.25 7.70 20.46
N VAL E 40 -33.00 -7.12 -5.36
CA VAL E 40 -32.58 -7.71 -4.09
C VAL E 40 -33.69 -8.58 -3.53
N GLN E 41 -33.42 -9.89 -3.42
CA GLN E 41 -34.41 -10.84 -2.94
C GLN E 41 -33.77 -11.79 -1.94
N LEU E 42 -34.58 -12.27 -1.01
CA LEU E 42 -34.18 -13.28 -0.02
C LEU E 42 -35.27 -14.35 -0.01
N VAL E 43 -35.10 -15.37 -0.84
CA VAL E 43 -36.07 -16.45 -0.97
C VAL E 43 -35.64 -17.58 -0.04
N GLU E 44 -36.51 -17.93 0.90
CA GLU E 44 -36.23 -18.97 1.90
C GLU E 44 -37.27 -20.06 1.78
N SER E 45 -36.81 -21.30 1.64
CA SER E 45 -37.68 -22.44 1.34
C SER E 45 -37.46 -23.55 2.37
N GLY E 46 -38.48 -24.39 2.49
CA GLY E 46 -38.47 -25.47 3.47
C GLY E 46 -39.80 -25.57 4.18
N GLY E 47 -39.78 -25.45 5.51
CA GLY E 47 -41.01 -25.37 6.26
C GLY E 47 -41.81 -26.67 6.25
N GLY E 48 -43.10 -26.54 6.48
CA GLY E 48 -43.99 -27.68 6.55
C GLY E 48 -44.13 -28.24 7.95
N LEU E 49 -44.84 -29.36 8.03
CA LEU E 49 -45.08 -30.03 9.30
C LEU E 49 -44.05 -31.14 9.49
N VAL E 50 -43.40 -31.14 10.65
CA VAL E 50 -42.35 -32.11 10.97
C VAL E 50 -42.72 -32.79 12.28
N GLN E 51 -42.48 -34.10 12.34
CA GLN E 51 -42.70 -34.84 13.58
C GLN E 51 -41.75 -34.33 14.66
N PRO E 52 -42.18 -34.37 15.92
CA PRO E 52 -41.33 -33.83 17.00
C PRO E 52 -40.01 -34.57 17.09
N GLY E 53 -38.97 -33.83 17.47
CA GLY E 53 -37.64 -34.39 17.58
C GLY E 53 -36.91 -34.57 16.27
N GLY E 54 -37.47 -34.09 15.16
CA GLY E 54 -36.85 -34.28 13.86
C GLY E 54 -35.68 -33.33 13.62
N SER E 55 -35.01 -33.57 12.49
CA SER E 55 -33.85 -32.80 12.07
C SER E 55 -34.02 -32.43 10.61
N ARG E 56 -33.77 -31.15 10.27
CA ARG E 56 -34.02 -30.69 8.91
C ARG E 56 -33.23 -29.43 8.62
N LYS E 57 -33.04 -29.15 7.34
CA LYS E 57 -32.23 -28.02 6.90
C LYS E 57 -33.12 -26.99 6.21
N LEU E 58 -33.12 -25.76 6.72
CA LEU E 58 -33.80 -24.64 6.10
C LEU E 58 -32.88 -23.97 5.09
N SER E 59 -33.46 -23.52 3.98
CA SER E 59 -32.69 -22.96 2.88
C SER E 59 -33.05 -21.51 2.67
N CYS E 60 -32.07 -20.72 2.20
CA CYS E 60 -32.28 -19.30 1.93
C CYS E 60 -31.40 -18.94 0.74
N SER E 61 -32.02 -18.72 -0.42
CA SER E 61 -31.31 -18.40 -1.64
C SER E 61 -31.38 -16.90 -1.88
N ALA E 62 -30.21 -16.29 -2.07
CA ALA E 62 -30.09 -14.85 -2.20
C ALA E 62 -29.61 -14.49 -3.60
N SER E 63 -30.07 -13.35 -4.11
CA SER E 63 -29.68 -12.88 -5.42
C SER E 63 -29.79 -11.36 -5.46
N GLY E 64 -29.08 -10.76 -6.40
CA GLY E 64 -29.11 -9.33 -6.58
C GLY E 64 -28.13 -8.54 -5.75
N PHE E 65 -27.27 -9.20 -4.97
CA PHE E 65 -26.27 -8.49 -4.19
C PHE E 65 -25.13 -9.43 -3.88
N ALA E 66 -24.01 -8.86 -3.46
CA ALA E 66 -22.82 -9.63 -3.13
C ALA E 66 -23.07 -10.38 -1.84
N PHE E 67 -23.53 -11.63 -1.95
CA PHE E 67 -23.80 -12.44 -0.77
C PHE E 67 -22.53 -12.64 0.06
N SER E 68 -21.37 -12.64 -0.58
CA SER E 68 -20.12 -12.85 0.15
C SER E 68 -19.87 -11.72 1.13
N SER E 69 -20.16 -10.48 0.73
CA SER E 69 -19.83 -9.32 1.55
C SER E 69 -20.84 -9.07 2.65
N PHE E 70 -22.00 -9.71 2.61
CA PHE E 70 -23.07 -9.47 3.58
C PHE E 70 -23.15 -10.62 4.56
N GLY E 71 -23.03 -10.32 5.85
CA GLY E 71 -23.36 -11.30 6.87
C GLY E 71 -24.83 -11.59 6.90
N MET E 72 -25.19 -12.72 7.49
CA MET E 72 -26.57 -13.20 7.41
C MET E 72 -27.07 -13.60 8.79
N HIS E 73 -28.39 -13.56 8.94
CA HIS E 73 -29.07 -13.93 10.17
C HIS E 73 -30.32 -14.75 9.83
N TRP E 74 -30.65 -15.67 10.72
CA TRP E 74 -31.94 -16.34 10.74
C TRP E 74 -32.69 -15.85 11.97
N VAL E 75 -33.88 -15.30 11.76
CA VAL E 75 -34.69 -14.73 12.84
C VAL E 75 -36.11 -15.26 12.69
N ARG E 76 -36.60 -15.98 13.68
CA ARG E 76 -37.88 -16.67 13.62
C ARG E 76 -38.94 -15.95 14.44
N GLN E 77 -40.20 -16.17 14.07
CA GLN E 77 -41.33 -15.57 14.76
C GLN E 77 -42.36 -16.64 15.11
N ALA E 78 -42.78 -16.65 16.37
CA ALA E 78 -43.81 -17.57 16.82
C ALA E 78 -45.13 -17.21 16.16
N PRO E 79 -46.07 -18.17 16.08
CA PRO E 79 -47.36 -17.87 15.43
C PRO E 79 -48.09 -16.68 16.01
N GLU E 80 -47.97 -16.43 17.32
CA GLU E 80 -48.65 -15.31 17.93
C GLU E 80 -47.75 -14.37 18.71
N LYS E 81 -46.46 -14.69 18.82
CA LYS E 81 -45.51 -13.86 19.56
C LYS E 81 -44.63 -13.09 18.58
N GLY E 82 -43.73 -12.29 19.12
CA GLY E 82 -42.88 -11.45 18.31
C GLY E 82 -41.68 -12.19 17.74
N LEU E 83 -40.83 -11.43 17.06
CA LEU E 83 -39.63 -11.99 16.47
C LEU E 83 -38.62 -12.35 17.56
N GLU E 84 -37.75 -13.31 17.24
CA GLU E 84 -36.67 -13.69 18.13
C GLU E 84 -35.49 -14.16 17.30
N TRP E 85 -34.29 -13.77 17.71
CA TRP E 85 -33.08 -14.10 16.99
C TRP E 85 -32.79 -15.60 17.09
N VAL E 86 -32.27 -16.17 16.00
CA VAL E 86 -31.93 -17.60 15.98
C VAL E 86 -30.45 -17.79 15.71
N ALA E 87 -29.97 -17.35 14.55
CA ALA E 87 -28.59 -17.62 14.18
C ALA E 87 -28.00 -16.44 13.43
N TYR E 88 -26.67 -16.35 13.44
CA TYR E 88 -25.95 -15.31 12.71
C TYR E 88 -24.61 -15.86 12.23
N ILE E 89 -24.28 -15.57 10.97
CA ILE E 89 -22.99 -15.95 10.40
C ILE E 89 -22.40 -14.75 9.68
N SER E 90 -21.13 -14.45 10.00
CA SER E 90 -20.49 -13.28 9.43
C SER E 90 -19.97 -13.57 8.03
N SER E 91 -19.53 -12.50 7.36
CA SER E 91 -18.91 -12.64 6.05
C SER E 91 -17.64 -13.46 6.16
N GLY E 92 -17.45 -14.39 5.23
CA GLY E 92 -16.32 -15.29 5.33
C GLY E 92 -16.46 -16.36 6.38
N SER E 93 -17.64 -16.51 6.99
CA SER E 93 -17.92 -17.53 7.99
C SER E 93 -16.99 -17.43 9.18
N GLY E 94 -16.53 -16.22 9.49
CA GLY E 94 -15.64 -16.04 10.63
C GLY E 94 -16.31 -16.36 11.96
N THR E 95 -17.52 -15.85 12.16
CA THR E 95 -18.26 -16.07 13.39
C THR E 95 -19.60 -16.74 13.08
N ILE E 96 -19.94 -17.74 13.87
CA ILE E 96 -21.23 -18.44 13.77
C ILE E 96 -21.83 -18.44 15.16
N TYR E 97 -22.69 -17.46 15.44
CA TYR E 97 -23.28 -17.32 16.76
C TYR E 97 -24.74 -17.77 16.76
N TYR E 98 -25.18 -18.29 17.89
CA TYR E 98 -26.54 -18.75 18.10
C TYR E 98 -27.06 -18.21 19.43
N ALA E 99 -28.37 -18.08 19.54
CA ALA E 99 -28.96 -17.58 20.77
C ALA E 99 -28.77 -18.61 21.88
N ASP E 100 -28.83 -18.13 23.12
CA ASP E 100 -28.51 -18.97 24.26
C ASP E 100 -29.44 -20.17 24.35
N THR E 101 -30.73 -19.96 24.14
CA THR E 101 -31.71 -21.03 24.28
C THR E 101 -31.55 -22.10 23.21
N VAL E 102 -30.79 -21.85 22.15
CA VAL E 102 -30.77 -22.72 20.99
C VAL E 102 -29.35 -23.10 20.59
N LYS E 103 -28.36 -22.85 21.44
CA LYS E 103 -26.99 -23.17 21.10
C LYS E 103 -26.77 -24.68 21.08
N GLY E 104 -25.86 -25.12 20.21
CA GLY E 104 -25.53 -26.53 20.10
C GLY E 104 -26.51 -27.33 19.28
N ARG E 105 -27.80 -27.08 19.48
CA ARG E 105 -28.83 -27.81 18.75
C ARG E 105 -28.94 -27.34 17.31
N PHE E 106 -28.63 -26.07 17.05
CA PHE E 106 -28.77 -25.46 15.74
C PHE E 106 -27.39 -25.23 15.12
N THR E 107 -27.32 -25.29 13.79
CA THR E 107 -26.12 -24.92 13.07
C THR E 107 -26.53 -24.14 11.82
N ILE E 108 -25.59 -23.37 11.27
CA ILE E 108 -25.86 -22.59 10.07
C ILE E 108 -24.56 -22.44 9.29
N SER E 109 -24.66 -22.60 7.97
CA SER E 109 -23.51 -22.53 7.08
C SER E 109 -23.91 -21.76 5.82
N ARG E 110 -22.90 -21.39 5.03
CA ARG E 110 -23.13 -20.63 3.81
C ARG E 110 -22.33 -21.24 2.67
N ASP E 111 -22.87 -21.10 1.46
CA ASP E 111 -22.22 -21.54 0.22
C ASP E 111 -22.03 -20.29 -0.63
N ASP E 112 -20.84 -19.68 -0.48
CA ASP E 112 -20.52 -18.46 -1.21
C ASP E 112 -20.46 -18.66 -2.72
N PRO E 113 -19.85 -19.72 -3.26
CA PRO E 113 -19.92 -19.90 -4.72
C PRO E 113 -21.32 -19.97 -5.28
N LYS E 114 -22.25 -20.59 -4.55
CA LYS E 114 -23.62 -20.71 -5.00
C LYS E 114 -24.56 -19.67 -4.41
N ASN E 115 -24.05 -18.81 -3.53
CA ASN E 115 -24.85 -17.76 -2.89
C ASN E 115 -26.08 -18.35 -2.18
N THR E 116 -25.82 -19.21 -1.19
CA THR E 116 -26.92 -19.80 -0.45
C THR E 116 -26.59 -19.82 1.04
N LEU E 117 -27.64 -19.87 1.86
CA LEU E 117 -27.52 -19.99 3.31
C LEU E 117 -28.35 -21.17 3.78
N PHE E 118 -27.78 -22.00 4.63
CA PHE E 118 -28.47 -23.17 5.15
C PHE E 118 -28.46 -23.15 6.67
N LEU E 119 -29.57 -23.59 7.27
CA LEU E 119 -29.72 -23.69 8.72
C LEU E 119 -30.06 -25.15 9.04
N GLN E 120 -29.06 -25.88 9.55
CA GLN E 120 -29.28 -27.26 9.95
C GLN E 120 -29.90 -27.32 11.34
N MET E 121 -30.84 -28.25 11.50
CA MET E 121 -31.81 -28.26 12.58
C MET E 121 -31.84 -29.65 13.19
N THR E 122 -31.81 -29.73 14.52
CA THR E 122 -31.82 -31.01 15.22
C THR E 122 -32.85 -31.00 16.34
N SER E 123 -33.69 -32.04 16.38
CA SER E 123 -34.55 -32.34 17.51
C SER E 123 -35.50 -31.16 17.81
N LEU E 124 -36.41 -30.92 16.87
CA LEU E 124 -37.39 -29.86 17.02
C LEU E 124 -38.32 -30.10 18.20
N ARG E 125 -38.82 -29.01 18.78
CA ARG E 125 -39.78 -29.07 19.87
C ARG E 125 -40.96 -28.17 19.54
N SER E 126 -41.97 -28.21 20.41
CA SER E 126 -43.14 -27.35 20.23
C SER E 126 -42.77 -25.88 20.30
N GLU E 127 -41.68 -25.55 21.01
CA GLU E 127 -41.23 -24.17 21.08
C GLU E 127 -40.66 -23.70 19.74
N ASP E 128 -40.27 -24.63 18.87
CA ASP E 128 -39.66 -24.28 17.60
C ASP E 128 -40.66 -24.10 16.47
N THR E 129 -41.95 -24.29 16.72
CA THR E 129 -42.96 -24.03 15.70
C THR E 129 -43.05 -22.53 15.45
N ALA E 130 -42.62 -22.07 14.29
CA ALA E 130 -42.49 -20.62 14.09
C ALA E 130 -42.46 -20.28 12.61
N MET E 131 -42.18 -19.01 12.34
CA MET E 131 -42.03 -18.46 11.00
C MET E 131 -40.60 -17.93 10.90
N TYR E 132 -39.76 -18.65 10.16
CA TYR E 132 -38.35 -18.32 10.04
C TYR E 132 -38.13 -17.32 8.91
N TYR E 133 -37.43 -16.25 9.23
CA TYR E 133 -37.10 -15.16 8.31
C TYR E 133 -35.61 -15.15 8.06
N CYS E 134 -35.23 -14.88 6.81
CA CYS E 134 -33.84 -14.73 6.42
C CYS E 134 -33.52 -13.24 6.32
N VAL E 135 -32.51 -12.79 7.07
CA VAL E 135 -32.18 -11.38 7.18
C VAL E 135 -30.71 -11.20 6.77
N ARG E 136 -30.40 -10.06 6.18
CA ARG E 136 -29.02 -9.76 5.79
C ARG E 136 -28.54 -8.51 6.51
N SER E 137 -27.22 -8.42 6.69
CA SER E 137 -26.62 -7.30 7.40
C SER E 137 -25.22 -7.07 6.85
N ILE E 138 -24.71 -5.86 7.06
CA ILE E 138 -23.34 -5.51 6.73
C ILE E 138 -22.85 -4.53 7.78
N TYR E 139 -21.56 -4.61 8.09
CA TYR E 139 -21.00 -3.90 9.24
C TYR E 139 -19.78 -3.09 8.82
N TYR E 140 -19.96 -1.78 8.77
CA TYR E 140 -18.88 -0.81 8.62
C TYR E 140 -19.46 0.53 9.02
N TYR E 141 -18.62 1.55 9.10
CA TYR E 141 -19.11 2.86 9.52
C TYR E 141 -20.13 3.37 8.52
N GLY E 142 -21.32 3.69 9.03
CA GLY E 142 -22.39 4.21 8.21
C GLY E 142 -23.29 3.18 7.57
N SER E 143 -23.02 1.89 7.77
CA SER E 143 -23.82 0.86 7.16
C SER E 143 -25.16 0.72 7.88
N SER E 144 -26.09 0.04 7.22
CA SER E 144 -27.44 -0.17 7.73
C SER E 144 -27.66 -1.66 7.95
N PRO E 145 -27.36 -2.18 9.14
CA PRO E 145 -27.60 -3.61 9.40
C PRO E 145 -29.09 -3.92 9.42
N PHE E 146 -29.39 -5.18 9.09
CA PHE E 146 -30.76 -5.69 9.09
C PHE E 146 -31.64 -4.94 8.12
N ASP E 147 -31.05 -4.42 7.04
CA ASP E 147 -31.79 -3.53 6.14
C ASP E 147 -32.84 -4.28 5.34
N PHE E 148 -32.51 -5.47 4.86
CA PHE E 148 -33.42 -6.26 4.04
C PHE E 148 -33.82 -7.53 4.76
N TRP E 149 -35.08 -7.92 4.63
CA TRP E 149 -35.62 -9.12 5.25
C TRP E 149 -36.21 -10.03 4.18
N GLY E 150 -36.26 -11.32 4.49
CA GLY E 150 -36.79 -12.29 3.56
C GLY E 150 -38.30 -12.41 3.60
N GLN E 151 -38.83 -13.16 2.64
CA GLN E 151 -40.28 -13.34 2.56
C GLN E 151 -40.79 -14.20 3.70
N GLY E 152 -40.13 -15.31 3.99
CA GLY E 152 -40.48 -16.14 5.13
C GLY E 152 -40.78 -17.59 4.81
N THR E 153 -40.52 -18.45 5.78
CA THR E 153 -40.85 -19.87 5.68
C THR E 153 -41.52 -20.32 6.97
N THR E 154 -42.50 -21.21 6.86
CA THR E 154 -43.26 -21.68 7.99
C THR E 154 -42.77 -23.05 8.42
N LEU E 155 -42.63 -23.26 9.73
CA LEU E 155 -42.22 -24.55 10.26
C LEU E 155 -43.13 -24.92 11.42
N THR E 156 -43.72 -26.11 11.37
CA THR E 156 -44.66 -26.58 12.37
C THR E 156 -44.12 -27.84 13.01
N VAL E 157 -44.16 -27.89 14.34
CA VAL E 157 -43.70 -29.04 15.12
C VAL E 157 -44.83 -29.50 16.01
N SER E 158 -45.20 -30.78 15.88
CA SER E 158 -46.28 -31.33 16.69
C SER E 158 -45.84 -31.51 18.13
N SER E 159 -46.83 -31.54 19.03
CA SER E 159 -46.56 -31.72 20.45
C SER E 159 -46.07 -33.13 20.74
N SER E 174 -28.38 -12.80 32.00
CA SER E 174 -27.74 -11.49 31.97
C SER E 174 -28.02 -10.78 30.66
N ASP E 175 -28.89 -11.37 29.86
CA ASP E 175 -29.25 -10.78 28.56
C ASP E 175 -30.06 -9.50 28.76
N ILE E 176 -29.97 -8.62 27.77
CA ILE E 176 -30.67 -7.35 27.83
C ILE E 176 -32.17 -7.58 27.68
N VAL E 177 -32.94 -7.00 28.59
CA VAL E 177 -34.39 -7.15 28.60
C VAL E 177 -35.01 -6.02 27.80
N MET E 178 -35.92 -6.37 26.89
CA MET E 178 -36.59 -5.40 26.04
C MET E 178 -38.05 -5.31 26.48
N THR E 179 -38.50 -4.09 26.80
CA THR E 179 -39.87 -3.86 27.24
C THR E 179 -40.51 -2.80 26.34
N GLN E 180 -41.60 -3.17 25.69
CA GLN E 180 -42.46 -2.23 24.98
C GLN E 180 -43.76 -2.17 25.79
N ALA E 181 -43.79 -1.27 26.78
CA ALA E 181 -44.83 -1.30 27.80
C ALA E 181 -46.21 -1.05 27.21
N THR E 182 -46.29 -0.25 26.15
CA THR E 182 -47.58 0.08 25.57
C THR E 182 -48.27 -1.18 25.03
N SER E 183 -47.69 -1.79 24.01
CA SER E 183 -48.15 -3.07 23.45
C SER E 183 -49.50 -2.93 22.77
N SER E 184 -50.13 -1.77 22.88
CA SER E 184 -51.38 -1.47 22.19
C SER E 184 -51.67 0.02 22.24
N VAL E 185 -51.78 0.66 21.08
CA VAL E 185 -52.07 2.10 21.02
C VAL E 185 -53.07 2.37 19.90
N PRO E 186 -54.18 3.04 20.18
CA PRO E 186 -55.08 3.44 19.09
C PRO E 186 -54.45 4.54 18.26
N VAL E 187 -54.66 4.46 16.95
CA VAL E 187 -54.05 5.39 16.01
C VAL E 187 -55.13 6.01 15.13
N THR E 188 -54.99 7.30 14.84
CA THR E 188 -55.85 8.01 13.93
C THR E 188 -55.00 8.62 12.82
N PRO E 189 -55.31 8.38 11.55
CA PRO E 189 -54.42 8.81 10.47
C PRO E 189 -54.21 10.32 10.47
N GLY E 190 -52.97 10.73 10.18
CA GLY E 190 -52.60 12.12 10.15
C GLY E 190 -52.23 12.72 11.50
N GLU E 191 -52.02 11.89 12.52
CA GLU E 191 -51.73 12.37 13.87
C GLU E 191 -50.49 11.67 14.39
N SER E 192 -49.64 12.44 15.08
CA SER E 192 -48.32 11.95 15.49
C SER E 192 -48.46 10.98 16.66
N VAL E 193 -47.86 9.80 16.54
CA VAL E 193 -47.86 8.80 17.61
C VAL E 193 -46.43 8.54 18.04
N SER E 194 -46.23 8.42 19.35
CA SER E 194 -44.92 8.13 19.93
C SER E 194 -44.98 6.76 20.58
N ILE E 195 -44.16 5.84 20.08
CA ILE E 195 -44.09 4.48 20.60
C ILE E 195 -42.72 4.29 21.23
N SER E 196 -42.69 3.98 22.51
CA SER E 196 -41.46 3.98 23.29
C SER E 196 -41.08 2.56 23.69
N CYS E 197 -39.82 2.22 23.52
CA CYS E 197 -39.26 0.94 23.91
C CYS E 197 -38.17 1.19 24.94
N ARG E 198 -38.23 0.46 26.05
CA ARG E 198 -37.32 0.65 27.17
C ARG E 198 -36.44 -0.59 27.32
N SER E 199 -35.13 -0.36 27.47
CA SER E 199 -34.16 -1.44 27.61
C SER E 199 -33.72 -1.58 29.06
N SER E 200 -33.20 -2.77 29.37
CA SER E 200 -32.76 -3.03 30.74
C SER E 200 -31.48 -2.29 31.07
N LYS E 201 -30.51 -2.29 30.16
CA LYS E 201 -29.22 -1.66 30.39
C LYS E 201 -28.95 -0.61 29.32
N SER E 202 -27.99 0.25 29.60
CA SER E 202 -27.69 1.36 28.71
C SER E 202 -27.23 0.86 27.36
N LEU E 203 -27.98 1.23 26.32
CA LEU E 203 -27.60 0.87 24.95
C LEU E 203 -26.51 1.77 24.40
N LEU E 204 -26.18 2.85 25.09
CA LEU E 204 -25.08 3.70 24.68
C LEU E 204 -23.75 2.98 24.88
N HIS E 205 -22.80 3.28 23.99
CA HIS E 205 -21.47 2.70 24.04
C HIS E 205 -20.47 3.85 23.99
N SER E 206 -19.31 3.65 24.60
CA SER E 206 -18.29 4.70 24.67
C SER E 206 -17.85 5.19 23.30
N ASN E 207 -18.05 4.39 22.24
CA ASN E 207 -17.66 4.82 20.91
C ASN E 207 -18.49 6.00 20.41
N GLY E 208 -19.59 6.31 21.08
CA GLY E 208 -20.48 7.35 20.64
C GLY E 208 -21.77 6.88 19.99
N ASN E 209 -22.03 5.58 20.00
CA ASN E 209 -23.20 5.02 19.37
C ASN E 209 -24.11 4.39 20.42
N THR E 210 -25.41 4.51 20.22
CA THR E 210 -26.40 3.66 20.90
C THR E 210 -27.01 2.77 19.84
N TYR E 211 -27.23 1.50 20.19
CA TYR E 211 -27.56 0.48 19.21
C TYR E 211 -29.02 0.06 19.43
N LEU E 212 -29.92 0.80 18.78
CA LEU E 212 -31.33 0.42 18.76
C LEU E 212 -31.82 0.43 17.32
N TYR E 213 -32.65 -0.55 16.98
CA TYR E 213 -33.18 -0.70 15.65
C TYR E 213 -34.69 -0.81 15.71
N TRP E 214 -35.37 -0.13 14.78
CA TRP E 214 -36.82 -0.07 14.76
C TRP E 214 -37.32 -0.76 13.50
N PHE E 215 -38.24 -1.71 13.67
CA PHE E 215 -38.75 -2.51 12.56
C PHE E 215 -40.26 -2.40 12.49
N LEU E 216 -40.77 -2.23 11.27
CA LEU E 216 -42.19 -2.14 11.00
C LEU E 216 -42.63 -3.39 10.25
N GLN E 217 -43.73 -3.99 10.70
CA GLN E 217 -44.29 -5.17 10.06
C GLN E 217 -45.72 -4.87 9.63
N ARG E 218 -45.92 -4.79 8.33
CA ARG E 218 -47.25 -4.77 7.73
C ARG E 218 -47.85 -6.18 7.87
N PRO E 219 -49.17 -6.31 7.87
CA PRO E 219 -49.73 -7.63 8.12
C PRO E 219 -49.73 -8.57 6.91
N GLY E 220 -49.23 -9.78 7.14
CA GLY E 220 -48.90 -10.67 6.03
C GLY E 220 -47.74 -10.17 5.20
N GLN E 221 -46.75 -9.55 5.85
CA GLN E 221 -45.59 -9.01 5.15
C GLN E 221 -44.38 -9.09 6.06
N SER E 222 -43.20 -9.09 5.44
CA SER E 222 -41.97 -9.20 6.18
C SER E 222 -41.67 -7.91 6.95
N PRO E 223 -40.89 -7.99 8.01
CA PRO E 223 -40.49 -6.78 8.72
C PRO E 223 -39.62 -5.88 7.85
N GLN E 224 -39.70 -4.58 8.12
CA GLN E 224 -38.94 -3.59 7.36
C GLN E 224 -38.22 -2.67 8.33
N LEU E 225 -36.95 -2.39 8.05
CA LEU E 225 -36.17 -1.52 8.90
C LEU E 225 -36.68 -0.09 8.83
N LEU E 226 -36.67 0.60 9.98
CA LEU E 226 -37.10 1.98 10.06
C LEU E 226 -35.99 2.91 10.53
N ILE E 227 -35.36 2.61 11.65
CA ILE E 227 -34.32 3.47 12.22
C ILE E 227 -33.20 2.58 12.75
N TYR E 228 -31.96 2.99 12.51
CA TYR E 228 -30.80 2.33 13.08
C TYR E 228 -29.97 3.32 13.89
N ARG E 229 -29.51 2.87 15.05
CA ARG E 229 -28.72 3.69 15.97
C ARG E 229 -29.51 4.91 16.45
N MET E 230 -30.80 4.71 16.66
CA MET E 230 -31.77 5.58 17.32
C MET E 230 -32.14 6.79 16.46
N SER E 231 -31.36 7.08 15.43
CA SER E 231 -31.54 8.35 14.75
C SER E 231 -31.25 8.34 13.27
N ASN E 232 -30.92 7.21 12.66
CA ASN E 232 -30.55 7.17 11.25
C ASN E 232 -31.68 6.52 10.47
N LEU E 233 -32.30 7.30 9.59
CA LEU E 233 -33.46 6.82 8.86
C LEU E 233 -33.03 5.79 7.82
N ALA E 234 -33.76 4.68 7.75
CA ALA E 234 -33.46 3.66 6.77
C ALA E 234 -33.71 4.19 5.37
N SER E 235 -32.83 3.85 4.44
CA SER E 235 -32.99 4.30 3.07
C SER E 235 -34.27 3.71 2.48
N GLY E 236 -35.01 4.54 1.76
CA GLY E 236 -36.26 4.12 1.16
C GLY E 236 -37.47 4.17 2.06
N VAL E 237 -37.36 4.80 3.22
CA VAL E 237 -38.44 4.86 4.21
C VAL E 237 -38.85 6.33 4.37
N PRO E 238 -40.14 6.64 4.34
CA PRO E 238 -40.55 8.05 4.42
C PRO E 238 -40.14 8.70 5.73
N ASP E 239 -39.99 10.03 5.68
CA ASP E 239 -39.51 10.81 6.80
C ASP E 239 -40.53 10.93 7.93
N ARG E 240 -41.76 10.45 7.73
CA ARG E 240 -42.77 10.52 8.78
C ARG E 240 -42.29 9.82 10.05
N PHE E 241 -41.42 8.84 9.92
CA PHE E 241 -40.85 8.16 11.08
C PHE E 241 -39.56 8.83 11.50
N SER E 242 -39.36 8.96 12.80
CA SER E 242 -38.11 9.46 13.36
C SER E 242 -37.88 8.79 14.70
N GLY E 243 -36.67 8.92 15.21
CA GLY E 243 -36.31 8.27 16.47
C GLY E 243 -35.56 9.21 17.38
N SER E 244 -35.68 8.95 18.68
CA SER E 244 -34.98 9.76 19.66
C SER E 244 -34.94 9.01 20.98
N GLY E 245 -33.78 8.98 21.62
CA GLY E 245 -33.64 8.22 22.85
C GLY E 245 -32.57 8.81 23.75
N SER E 246 -32.57 8.33 24.99
CA SER E 246 -31.67 8.85 26.03
C SER E 246 -30.79 7.78 26.64
N GLY E 247 -30.63 6.62 25.99
CA GLY E 247 -29.77 5.58 26.48
C GLY E 247 -30.43 4.53 27.35
N THR E 248 -31.68 4.72 27.74
CA THR E 248 -32.39 3.71 28.50
C THR E 248 -33.79 3.48 27.92
N ALA E 249 -34.33 4.48 27.23
CA ALA E 249 -35.64 4.39 26.61
C ALA E 249 -35.63 5.23 25.35
N PHE E 250 -36.28 4.72 24.30
CA PHE E 250 -36.17 5.32 22.98
C PHE E 250 -37.54 5.31 22.31
N THR E 251 -37.91 6.44 21.70
CA THR E 251 -39.22 6.59 21.11
C THR E 251 -39.11 6.75 19.60
N LEU E 252 -40.04 6.11 18.90
CA LEU E 252 -40.26 6.30 17.48
C LEU E 252 -41.48 7.20 17.32
N THR E 253 -41.32 8.27 16.55
CA THR E 253 -42.35 9.29 16.37
C THR E 253 -42.84 9.27 14.93
N ILE E 254 -44.15 9.18 14.76
CA ILE E 254 -44.80 9.18 13.45
C ILE E 254 -45.57 10.49 13.35
N SER E 255 -45.19 11.33 12.38
CA SER E 255 -45.81 12.65 12.27
C SER E 255 -47.23 12.55 11.71
N ARG E 256 -47.37 12.05 10.49
CA ARG E 256 -48.66 11.92 9.83
C ARG E 256 -48.90 10.45 9.53
N LEU E 257 -49.84 9.84 10.24
CA LEU E 257 -50.13 8.43 10.05
C LEU E 257 -50.78 8.19 8.69
N GLU E 258 -50.43 7.06 8.08
CA GLU E 258 -51.04 6.63 6.83
C GLU E 258 -51.43 5.16 6.96
N ALA E 259 -52.05 4.64 5.91
CA ALA E 259 -52.44 3.22 5.90
C ALA E 259 -51.20 2.33 5.94
N GLU E 260 -50.14 2.74 5.25
CA GLU E 260 -48.90 1.98 5.26
C GLU E 260 -48.31 1.92 6.66
N ASP E 261 -48.56 2.94 7.49
CA ASP E 261 -48.02 2.96 8.84
C ASP E 261 -48.69 1.96 9.76
N VAL E 262 -49.80 1.36 9.35
CA VAL E 262 -50.52 0.42 10.21
C VAL E 262 -49.77 -0.91 10.26
N GLY E 263 -49.43 -1.35 11.47
CA GLY E 263 -48.70 -2.59 11.63
C GLY E 263 -48.17 -2.74 13.03
N VAL E 264 -47.17 -3.61 13.17
CA VAL E 264 -46.57 -3.94 14.46
C VAL E 264 -45.11 -3.49 14.44
N TYR E 265 -44.69 -2.82 15.51
CA TYR E 265 -43.34 -2.28 15.61
C TYR E 265 -42.52 -3.08 16.62
N TYR E 266 -41.25 -3.29 16.30
CA TYR E 266 -40.31 -4.05 17.11
C TYR E 266 -39.04 -3.26 17.33
N CYS E 267 -38.44 -3.41 18.51
CA CYS E 267 -37.19 -2.76 18.87
C CYS E 267 -36.12 -3.81 19.13
N MET E 268 -34.95 -3.61 18.54
CA MET E 268 -33.78 -4.46 18.75
C MET E 268 -32.66 -3.66 19.41
N GLN E 269 -31.85 -4.37 20.19
CA GLN E 269 -30.57 -3.86 20.65
C GLN E 269 -29.46 -4.67 20.01
N HIS E 270 -28.36 -4.01 19.70
CA HIS E 270 -27.23 -4.67 19.05
C HIS E 270 -25.94 -4.43 19.82
N LEU E 271 -26.01 -4.45 21.15
CA LEU E 271 -24.79 -4.33 21.95
C LEU E 271 -24.22 -5.69 22.29
N GLU E 272 -24.99 -6.52 22.99
CA GLU E 272 -24.57 -7.89 23.28
C GLU E 272 -24.97 -8.79 22.13
N TYR E 273 -24.15 -9.81 21.89
CA TYR E 273 -24.35 -10.67 20.73
C TYR E 273 -25.68 -11.40 20.72
N PRO E 274 -26.21 -11.92 21.84
CA PRO E 274 -27.58 -12.47 21.78
C PRO E 274 -28.59 -11.37 21.58
N LEU E 275 -29.12 -11.26 20.37
CA LEU E 275 -30.03 -10.19 20.03
C LEU E 275 -31.37 -10.39 20.71
N THR E 276 -31.88 -9.33 21.34
CA THR E 276 -33.15 -9.37 22.03
C THR E 276 -34.13 -8.42 21.36
N PHE E 277 -35.38 -8.85 21.28
CA PHE E 277 -36.42 -8.18 20.49
C PHE E 277 -37.48 -7.61 21.41
N GLY E 278 -38.17 -6.58 20.93
CA GLY E 278 -39.31 -6.05 21.66
C GLY E 278 -40.54 -6.91 21.51
N ALA E 279 -41.46 -6.74 22.46
CA ALA E 279 -42.69 -7.53 22.44
C ALA E 279 -43.52 -7.23 21.19
N GLY E 280 -43.59 -5.97 20.79
CA GLY E 280 -44.33 -5.58 19.61
C GLY E 280 -45.48 -4.64 19.92
N THR E 281 -45.37 -3.41 19.46
CA THR E 281 -46.44 -2.43 19.64
C THR E 281 -47.31 -2.44 18.39
N LYS E 282 -48.59 -2.76 18.56
CA LYS E 282 -49.51 -2.92 17.45
C LYS E 282 -50.34 -1.67 17.25
N LEU E 283 -50.56 -1.29 15.99
CA LEU E 283 -51.34 -0.10 15.67
C LEU E 283 -52.75 -0.50 15.30
N GLU E 284 -53.73 0.06 16.00
CA GLU E 284 -55.14 -0.17 15.76
C GLU E 284 -55.79 1.15 15.38
N LEU E 285 -56.37 1.21 14.19
CA LEU E 285 -57.00 2.44 13.70
C LEU E 285 -58.50 2.46 14.02
#